data_8ZJT
#
_entry.id   8ZJT
#
_cell.length_a   1.00
_cell.length_b   1.00
_cell.length_c   1.00
_cell.angle_alpha   90.00
_cell.angle_beta   90.00
_cell.angle_gamma   90.00
#
_symmetry.space_group_name_H-M   'P 1'
#
loop_
_entity.id
_entity.type
_entity.pdbx_description
1 polymer 'Histone H3.2'
2 polymer 'Histone H4'
3 polymer 'Histone H2A type 1-B/E'
4 polymer 'Histone H2B type 1-K'
5 polymer 'DNA (147-MER)'
6 polymer 'DNA (147-MER)'
#
loop_
_entity_poly.entity_id
_entity_poly.type
_entity_poly.pdbx_seq_one_letter_code
_entity_poly.pdbx_strand_id
1 'polypeptide(L)'
;GPMARTKQTARKSTGGKAPRKQLATKAARKSAPATGGVKKPHRYRPGTVALREIRRYQKSTELLIRKLPFQRLVREIAQD
FKTDLRFQSSAVMALQEASEAYLVGLFEDTNLAAIHAKRVTIMPKDIQLARRIRGERA
;
A,E
2 'polypeptide(L)'
;MADLMSGRGKGGKGLGKGGAKRHRKVLRDNIQGITKPAIRRLARRGGVKRISGLIYEETRGVLKVFLENVIRDAVTYTEH
AKRKTVTAMDVVYALKRQGRTLYGFGG
;
B,F
3 'polypeptide(L)'
;GPMSGRGKQGGKARAKAKTRSSRAGLQFPVGRVHRLLRKGNYSERVGAGAPVYLAAVLEYLTAEILELAGNAARDNKKTR
IIPRHLQLAIRNDEELNKLLGRVTIAQGGVLPNIQAVLLPKKTESHHKAKGK
;
C,G
4 'polypeptide(L)'
;MADLMPEPAKSAPAPKKGSKKAVTKAQKKDGKKRKRSRKESYSVYVYKVLKQVHPDTGISSKAMGIMNSFVNDIFERIAG
EASRLAHYNKRSTITSREIQTAVRLLLPGELAKHAVSEGTKAVTKYTSAK
;
D,H
5 'polydeoxyribonucleotide'
;(DA)(DT)(DC)(DC)(DA)(DC)(DA)(DC)(DG)(DT)(DT)(DA)(DC)(DA)(DC)(DG)(DA)(DC)(DG)(DC)
(DT)(DC)(DT)(DT)(DC)(DC)(DG)(DA)(DT)(DC)(DT)(DT)(DG)(DG)(DT)(DT)(DA)(DG)(DG)(DG)
(DT)(DG)(DC)(DA)(DA)(DG)(DC)(DA)(DT)(DG)(DA)(DT)(DC)(DC)(DC)(DT)(DT)(DC)(DG)(DA)
(DT)(DG)(DA)(DA)(DT)(DA)(DG)(DA)(DG)(DC)(DC)(DG)(DA)(DC)(DT)(DG)(DG)(DG)(DC)(DA)
(DT)(DA)(DG)(DT)(DA)(DA)(DC)(DG)(DC)(DG)(DT)(DG)(DG)(DG)(DT)(DT)(DG)(DG)(DT)(DG)
(DA)(DG)(DG)(DT)(DG)(DG)(DT)(DT)(DC)(DA)(DC)(DG)(DG)(DT)(DC)(DA)(DT)(DG)(DC)(DC)
(DG)(DC)(DT)(DT)(DG)(DG)(DG)(DT)(DA)(DA)(DG)(DC)(DA)(DG)(DA)(DT)(DC)(DG)(DG)(DA)
(DA)(DG)(DA)(DG)(DG)(DA)(DT)
;
I
6 'polydeoxyribonucleotide'
;(DA)(DT)(DC)(DC)(DT)(DC)(DT)(DT)(DC)(DC)(DG)(DA)(DT)(DC)(DT)(DG)(DC)(DT)(DT)(DA)
(DC)(DC)(DC)(DA)(DA)(DG)(DC)(DG)(DG)(DC)(DA)(DT)(DG)(DA)(DC)(DC)(DG)(DT)(DG)(DA)
(DA)(DC)(DC)(DA)(DC)(DC)(DT)(DC)(DA)(DC)(DC)(DA)(DA)(DC)(DC)(DC)(DA)(DC)(DG)(DC)
(DG)(DT)(DT)(DA)(DC)(DT)(DA)(DT)(DG)(DC)(DC)(DC)(DA)(DG)(DT)(DC)(DG)(DG)(DC)(DT)
(DC)(DT)(DA)(DT)(DT)(DC)(DA)(DT)(DC)(DG)(DA)(DA)(DG)(DG)(DG)(DA)(DT)(DC)(DA)(DT)
(DG)(DC)(DT)(DT)(DG)(DC)(DA)(DC)(DC)(DC)(DT)(DA)(DA)(DC)(DC)(DA)(DA)(DG)(DA)(DT)
(DC)(DG)(DG)(DA)(DA)(DG)(DA)(DG)(DC)(DG)(DT)(DC)(DG)(DT)(DG)(DT)(DA)(DA)(DC)(DG)
(DT)(DG)(DT)(DG)(DG)(DA)(DT)
;
J
#
# COMPACT_ATOMS: atom_id res chain seq x y z
N LYS A 40 16.82 55.69 -3.45
CA LYS A 40 15.44 55.22 -3.56
C LYS A 40 15.36 53.91 -4.32
N PRO A 41 15.78 52.81 -3.70
CA PRO A 41 15.76 51.52 -4.37
C PRO A 41 14.34 51.00 -4.53
N HIS A 42 14.18 50.07 -5.46
CA HIS A 42 12.89 49.44 -5.74
C HIS A 42 12.81 48.14 -4.94
N ARG A 43 11.86 48.10 -3.99
CA ARG A 43 11.68 46.94 -3.11
C ARG A 43 10.32 46.32 -3.41
N TYR A 44 10.32 45.03 -3.70
CA TYR A 44 9.08 44.31 -3.93
C TYR A 44 8.31 44.13 -2.63
N ARG A 45 6.98 44.23 -2.73
CA ARG A 45 6.15 43.99 -1.57
C ARG A 45 6.20 42.51 -1.19
N PRO A 46 6.11 42.20 0.10
CA PRO A 46 6.19 40.80 0.53
C PRO A 46 5.10 39.95 -0.10
N GLY A 47 5.46 38.71 -0.43
CA GLY A 47 4.55 37.77 -1.05
C GLY A 47 4.62 37.71 -2.56
N THR A 48 5.26 38.70 -3.21
CA THR A 48 5.35 38.70 -4.66
C THR A 48 6.51 37.81 -5.14
N VAL A 49 7.70 38.02 -4.57
CA VAL A 49 8.84 37.18 -4.93
C VAL A 49 8.58 35.73 -4.55
N ALA A 50 7.80 35.51 -3.48
CA ALA A 50 7.42 34.14 -3.13
C ALA A 50 6.58 33.50 -4.23
N LEU A 51 5.63 34.25 -4.79
CA LEU A 51 4.83 33.71 -5.89
C LEU A 51 5.68 33.47 -7.13
N ARG A 52 6.61 34.39 -7.42
CA ARG A 52 7.49 34.19 -8.56
C ARG A 52 8.33 32.93 -8.39
N GLU A 53 8.86 32.71 -7.18
CA GLU A 53 9.63 31.51 -6.91
C GLU A 53 8.76 30.26 -7.00
N ILE A 54 7.51 30.35 -6.56
CA ILE A 54 6.59 29.21 -6.69
C ILE A 54 6.44 28.82 -8.15
N ARG A 55 6.17 29.82 -9.00
CA ARG A 55 6.02 29.54 -10.42
C ARG A 55 7.32 28.98 -11.01
N ARG A 56 8.46 29.56 -10.63
N ARG A 56 8.46 29.56 -10.62
CA ARG A 56 9.74 29.13 -11.19
CA ARG A 56 9.75 29.14 -11.18
C ARG A 56 10.07 27.70 -10.80
C ARG A 56 10.08 27.70 -10.79
N TYR A 57 9.84 27.32 -9.54
CA TYR A 57 10.18 26.00 -9.06
C TYR A 57 9.10 24.96 -9.34
N GLN A 58 7.92 25.37 -9.80
CA GLN A 58 6.97 24.41 -10.32
C GLN A 58 7.08 24.24 -11.82
N LYS A 59 7.64 25.22 -12.53
CA LYS A 59 7.90 25.11 -13.95
C LYS A 59 9.18 24.32 -14.25
N SER A 60 10.04 24.11 -13.27
CA SER A 60 11.31 23.44 -13.45
C SER A 60 11.28 22.04 -12.86
N THR A 61 12.30 21.25 -13.21
CA THR A 61 12.37 19.85 -12.84
C THR A 61 13.64 19.43 -12.12
N GLU A 62 14.62 20.32 -11.98
CA GLU A 62 15.91 19.93 -11.42
C GLU A 62 15.80 19.64 -9.92
N LEU A 63 16.84 19.02 -9.39
CA LEU A 63 16.91 18.75 -7.96
C LEU A 63 17.17 20.04 -7.19
N LEU A 64 16.53 20.18 -6.04
CA LEU A 64 16.60 21.41 -5.27
C LEU A 64 17.59 21.34 -4.10
N ILE A 65 17.85 20.16 -3.57
CA ILE A 65 18.86 20.01 -2.53
C ILE A 65 20.23 19.90 -3.17
N ARG A 66 21.24 20.49 -2.52
CA ARG A 66 22.60 20.39 -3.02
C ARG A 66 23.06 18.94 -2.98
N LYS A 67 23.79 18.52 -4.01
CA LYS A 67 24.09 17.10 -4.19
C LYS A 67 25.11 16.62 -3.17
N LEU A 68 26.21 17.37 -2.97
CA LEU A 68 27.25 16.91 -2.05
C LEU A 68 26.78 16.86 -0.60
N PRO A 69 26.12 17.89 -0.05
CA PRO A 69 25.61 17.77 1.33
C PRO A 69 24.64 16.62 1.51
N PHE A 70 23.76 16.39 0.53
CA PHE A 70 22.82 15.27 0.66
C PHE A 70 23.55 13.93 0.59
N GLN A 71 24.56 13.82 -0.27
CA GLN A 71 25.34 12.59 -0.34
C GLN A 71 26.05 12.32 0.97
N ARG A 72 26.63 13.35 1.57
CA ARG A 72 27.28 13.17 2.86
C ARG A 72 26.28 12.80 3.95
N LEU A 73 25.09 13.40 3.92
CA LEU A 73 24.05 13.04 4.88
C LEU A 73 23.63 11.59 4.73
N VAL A 74 23.46 11.13 3.49
CA VAL A 74 23.08 9.74 3.25
C VAL A 74 24.17 8.79 3.74
N ARG A 75 25.43 9.12 3.47
CA ARG A 75 26.53 8.27 3.91
C ARG A 75 26.62 8.23 5.43
N GLU A 76 26.39 9.37 6.10
CA GLU A 76 26.39 9.38 7.55
C GLU A 76 25.23 8.55 8.11
N ILE A 77 24.06 8.65 7.49
CA ILE A 77 22.90 7.89 7.96
C ILE A 77 23.15 6.40 7.79
N ALA A 78 23.78 6.00 6.69
CA ALA A 78 24.06 4.60 6.43
C ALA A 78 25.23 4.05 7.25
N GLN A 79 25.74 4.82 8.21
CA GLN A 79 26.82 4.34 9.06
C GLN A 79 26.34 3.51 10.23
N ASP A 80 25.11 3.74 10.69
CA ASP A 80 24.56 2.98 11.81
C ASP A 80 24.11 1.58 11.40
N PHE A 81 24.01 1.29 10.11
CA PHE A 81 23.54 -0.01 9.65
C PHE A 81 24.67 -0.92 9.17
N LYS A 82 25.74 -0.35 8.61
CA LYS A 82 26.88 -1.15 8.19
C LYS A 82 28.10 -0.25 8.12
N THR A 83 29.24 -0.76 8.58
CA THR A 83 30.47 0.01 8.57
C THR A 83 31.16 -0.12 7.21
N ASP A 84 31.80 0.97 6.78
CA ASP A 84 32.58 1.01 5.54
C ASP A 84 31.71 0.63 4.34
N LEU A 85 30.49 1.17 4.31
CA LEU A 85 29.61 0.94 3.18
C LEU A 85 30.06 1.77 1.97
N ARG A 86 29.70 1.28 0.79
CA ARG A 86 29.94 1.99 -0.46
C ARG A 86 28.62 2.26 -1.15
N PHE A 87 28.57 3.35 -1.91
CA PHE A 87 27.34 3.78 -2.55
C PHE A 87 27.58 3.99 -4.03
N GLN A 88 26.75 3.37 -4.86
CA GLN A 88 26.71 3.71 -6.27
C GLN A 88 26.20 5.13 -6.43
N SER A 89 26.72 5.84 -7.43
CA SER A 89 26.25 7.20 -7.68
C SER A 89 24.77 7.22 -8.02
N SER A 90 24.32 6.24 -8.80
CA SER A 90 22.90 6.13 -9.11
C SER A 90 22.07 5.88 -7.86
N ALA A 91 22.62 5.16 -6.88
CA ALA A 91 21.88 4.92 -5.64
C ALA A 91 21.63 6.22 -4.88
N VAL A 92 22.67 7.05 -4.74
CA VAL A 92 22.50 8.33 -4.05
C VAL A 92 21.57 9.24 -4.85
N MET A 93 21.66 9.20 -6.18
CA MET A 93 20.76 10.01 -6.99
C MET A 93 19.31 9.58 -6.80
N ALA A 94 19.05 8.27 -6.77
CA ALA A 94 17.70 7.79 -6.55
C ALA A 94 17.19 8.16 -5.17
N LEU A 95 18.06 8.07 -4.16
CA LEU A 95 17.69 8.49 -2.82
C LEU A 95 17.32 9.95 -2.78
N GLN A 96 18.10 10.80 -3.46
CA GLN A 96 17.80 12.23 -3.49
C GLN A 96 16.49 12.50 -4.20
N GLU A 97 16.25 11.83 -5.33
CA GLU A 97 14.99 12.03 -6.06
C GLU A 97 13.80 11.65 -5.19
N ALA A 98 13.87 10.49 -4.54
CA ALA A 98 12.76 10.05 -3.70
C ALA A 98 12.56 10.98 -2.52
N SER A 99 13.64 11.41 -1.87
CA SER A 99 13.51 12.32 -0.73
C SER A 99 12.90 13.64 -1.13
N GLU A 100 13.33 14.21 -2.25
CA GLU A 100 12.78 15.48 -2.69
C GLU A 100 11.31 15.34 -3.08
N ALA A 101 10.95 14.26 -3.76
CA ALA A 101 9.55 14.06 -4.11
C ALA A 101 8.69 13.92 -2.87
N TYR A 102 9.16 13.15 -1.88
CA TYR A 102 8.42 12.98 -0.64
C TYR A 102 8.25 14.30 0.09
N LEU A 103 9.32 15.10 0.16
CA LEU A 103 9.25 16.37 0.85
C LEU A 103 8.34 17.35 0.13
N VAL A 104 8.35 17.33 -1.20
CA VAL A 104 7.45 18.21 -1.95
C VAL A 104 6.00 17.82 -1.73
N GLY A 105 5.70 16.53 -1.75
CA GLY A 105 4.33 16.10 -1.47
C GLY A 105 3.91 16.46 -0.05
N LEU A 106 4.81 16.29 0.91
CA LEU A 106 4.52 16.65 2.29
C LEU A 106 4.27 18.15 2.41
N PHE A 107 5.04 18.96 1.69
CA PHE A 107 4.82 20.40 1.72
C PHE A 107 3.51 20.80 1.06
N GLU A 108 3.10 20.08 0.02
CA GLU A 108 1.78 20.33 -0.57
C GLU A 108 0.67 20.04 0.44
N ASP A 109 0.74 18.89 1.11
CA ASP A 109 -0.26 18.56 2.13
C ASP A 109 -0.21 19.56 3.29
N THR A 110 0.99 20.01 3.66
CA THR A 110 1.14 20.99 4.72
C THR A 110 0.52 22.33 4.34
N ASN A 111 0.72 22.75 3.09
CA ASN A 111 0.09 23.98 2.62
C ASN A 111 -1.43 23.87 2.65
N LEU A 112 -1.97 22.72 2.24
CA LEU A 112 -3.41 22.53 2.31
C LEU A 112 -3.90 22.57 3.75
N ALA A 113 -3.19 21.92 4.67
CA ALA A 113 -3.61 21.93 6.06
C ALA A 113 -3.51 23.32 6.68
N ALA A 114 -2.56 24.13 6.22
CA ALA A 114 -2.44 25.50 6.72
C ALA A 114 -3.55 26.38 6.17
N ILE A 115 -3.89 26.21 4.88
CA ILE A 115 -4.98 26.98 4.31
C ILE A 115 -6.31 26.58 4.92
N HIS A 116 -6.43 25.32 5.36
CA HIS A 116 -7.64 24.88 6.05
C HIS A 116 -7.83 25.65 7.35
N ALA A 117 -6.74 25.99 8.04
CA ALA A 117 -6.79 26.73 9.29
C ALA A 117 -6.87 28.24 9.08
N LYS A 118 -7.22 28.68 7.87
CA LYS A 118 -7.34 30.11 7.54
C LYS A 118 -6.01 30.84 7.71
N ARG A 119 -4.92 30.19 7.30
CA ARG A 119 -3.60 30.80 7.31
C ARG A 119 -2.89 30.47 6.01
N VAL A 120 -1.94 31.33 5.65
CA VAL A 120 -1.05 31.07 4.52
C VAL A 120 0.35 30.70 4.98
N THR A 121 0.72 30.97 6.23
CA THR A 121 2.01 30.59 6.77
C THR A 121 1.94 29.16 7.29
N ILE A 122 2.79 28.29 6.77
CA ILE A 122 2.80 26.90 7.19
C ILE A 122 3.69 26.76 8.42
N MET A 123 3.17 26.09 9.43
CA MET A 123 3.82 25.89 10.71
C MET A 123 4.11 24.41 10.94
N PRO A 124 4.89 24.08 11.97
CA PRO A 124 5.07 22.65 12.30
C PRO A 124 3.78 21.92 12.61
N LYS A 125 2.74 22.63 13.07
CA LYS A 125 1.46 21.99 13.31
C LYS A 125 0.89 21.38 12.04
N ASP A 126 1.01 22.11 10.92
CA ASP A 126 0.50 21.60 9.66
C ASP A 126 1.26 20.36 9.20
N ILE A 127 2.58 20.35 9.36
CA ILE A 127 3.36 19.17 9.00
C ILE A 127 2.96 17.98 9.86
N GLN A 128 2.82 18.19 11.17
CA GLN A 128 2.44 17.11 12.05
C GLN A 128 1.05 16.58 11.73
N LEU A 129 0.11 17.48 11.44
CA LEU A 129 -1.23 17.04 11.06
C LEU A 129 -1.23 16.27 9.75
N ALA A 130 -0.45 16.75 8.76
CA ALA A 130 -0.39 16.06 7.48
C ALA A 130 0.19 14.66 7.63
N ARG A 131 1.23 14.52 8.46
CA ARG A 131 1.81 13.20 8.67
C ARG A 131 0.92 12.32 9.54
N ARG A 132 0.09 12.93 10.40
CA ARG A 132 -0.83 12.14 11.21
C ARG A 132 -1.99 11.60 10.38
N ILE A 133 -2.55 12.43 9.50
CA ILE A 133 -3.66 11.99 8.68
C ILE A 133 -3.19 10.99 7.62
N ARG A 134 -2.02 11.24 7.04
CA ARG A 134 -1.48 10.30 6.04
C ARG A 134 -1.22 8.93 6.65
N GLY A 135 -0.96 8.87 7.95
CA GLY A 135 -0.66 7.61 8.60
C GLY A 135 0.82 7.33 8.67
N GLU A 136 1.59 8.30 9.16
CA GLU A 136 3.03 8.16 9.28
C GLU A 136 3.54 8.50 10.68
N ARG A 137 2.65 8.69 11.65
CA ARG A 137 3.04 8.97 13.03
C ARG A 137 1.92 8.62 13.99
N LYS B 25 37.10 7.87 7.14
CA LYS B 25 36.22 9.03 7.08
C LYS B 25 34.92 8.79 7.85
N VAL B 26 34.83 9.35 9.04
CA VAL B 26 33.63 9.28 9.88
C VAL B 26 32.88 10.60 9.75
N LEU B 27 31.61 10.52 9.38
CA LEU B 27 30.79 11.70 9.14
C LEU B 27 29.90 11.96 10.34
N ARG B 28 29.77 13.24 10.69
CA ARG B 28 28.97 13.64 11.84
C ARG B 28 28.30 14.98 11.56
N ASP B 29 27.02 15.08 11.93
CA ASP B 29 26.25 16.31 11.84
C ASP B 29 26.22 16.86 10.41
N ASN B 30 25.68 16.03 9.51
CA ASN B 30 25.48 16.43 8.12
C ASN B 30 24.03 16.73 7.80
N ILE B 31 23.11 16.54 8.75
CA ILE B 31 21.72 16.89 8.53
C ILE B 31 21.54 18.40 8.38
N GLN B 32 22.48 19.19 8.90
CA GLN B 32 22.45 20.63 8.71
C GLN B 32 22.85 21.06 7.31
N GLY B 33 23.31 20.12 6.48
CA GLY B 33 23.58 20.43 5.09
C GLY B 33 22.34 20.56 4.23
N ILE B 34 21.18 20.18 4.76
CA ILE B 34 19.90 20.46 4.10
C ILE B 34 19.51 21.86 4.55
N THR B 35 20.05 22.86 3.86
CA THR B 35 20.02 24.23 4.35
C THR B 35 18.62 24.80 4.30
N LYS B 36 18.46 25.96 4.94
CA LYS B 36 17.19 26.69 4.89
C LYS B 36 16.78 27.07 3.48
N PRO B 37 17.67 27.59 2.62
CA PRO B 37 17.25 27.84 1.23
C PRO B 37 16.78 26.60 0.49
N ALA B 38 17.38 25.43 0.77
CA ALA B 38 16.93 24.21 0.10
C ALA B 38 15.50 23.85 0.52
N ILE B 39 15.19 23.97 1.81
CA ILE B 39 13.84 23.73 2.28
C ILE B 39 12.88 24.76 1.69
N ARG B 40 13.33 26.01 1.56
CA ARG B 40 12.52 27.03 0.92
C ARG B 40 12.21 26.66 -0.52
N ARG B 41 13.20 26.17 -1.26
CA ARG B 41 12.98 25.78 -2.64
C ARG B 41 12.02 24.59 -2.73
N LEU B 42 12.17 23.62 -1.82
CA LEU B 42 11.24 22.49 -1.81
C LEU B 42 9.81 22.95 -1.53
N ALA B 43 9.65 23.88 -0.58
CA ALA B 43 8.32 24.41 -0.29
C ALA B 43 7.75 25.18 -1.47
N ARG B 44 8.59 25.97 -2.15
CA ARG B 44 8.12 26.73 -3.29
C ARG B 44 7.68 25.81 -4.42
N ARG B 45 8.41 24.71 -4.64
CA ARG B 45 7.94 23.70 -5.58
C ARG B 45 6.64 23.06 -5.08
N GLY B 46 6.48 22.96 -3.76
CA GLY B 46 5.23 22.45 -3.21
C GLY B 46 4.09 23.45 -3.24
N GLY B 47 4.36 24.71 -3.60
CA GLY B 47 3.31 25.70 -3.71
C GLY B 47 3.01 26.39 -2.40
N VAL B 48 4.05 26.82 -1.69
CA VAL B 48 3.93 27.42 -0.37
C VAL B 48 4.33 28.89 -0.47
N LYS B 49 3.47 29.77 0.04
CA LYS B 49 3.72 31.21 -0.07
C LYS B 49 4.51 31.77 1.10
N ARG B 50 4.22 31.31 2.32
CA ARG B 50 4.94 31.77 3.50
C ARG B 50 5.39 30.58 4.33
N ILE B 51 6.51 30.73 5.01
CA ILE B 51 7.15 29.65 5.74
C ILE B 51 7.48 30.14 7.14
N SER B 52 6.99 29.42 8.15
CA SER B 52 7.33 29.74 9.53
C SER B 52 8.78 29.37 9.81
N GLY B 53 9.46 30.22 10.59
CA GLY B 53 10.88 30.03 10.84
C GLY B 53 11.25 28.79 11.61
N LEU B 54 10.28 28.14 12.26
CA LEU B 54 10.52 26.95 13.05
C LEU B 54 10.23 25.66 12.29
N ILE B 55 9.90 25.75 10.99
CA ILE B 55 9.57 24.57 10.21
C ILE B 55 10.80 23.90 9.61
N TYR B 56 11.95 24.57 9.59
CA TYR B 56 13.13 23.99 8.98
C TYR B 56 13.65 22.81 9.77
N GLU B 57 13.68 22.92 11.11
CA GLU B 57 14.13 21.80 11.93
C GLU B 57 13.17 20.63 11.84
N GLU B 58 11.87 20.91 11.82
CA GLU B 58 10.88 19.84 11.66
C GLU B 58 11.05 19.13 10.32
N THR B 59 11.28 19.90 9.25
CA THR B 59 11.50 19.29 7.94
C THR B 59 12.78 18.46 7.93
N ARG B 60 13.83 18.95 8.59
CA ARG B 60 15.07 18.19 8.68
C ARG B 60 14.85 16.88 9.41
N GLY B 61 14.10 16.91 10.52
CA GLY B 61 13.81 15.68 11.23
C GLY B 61 13.00 14.70 10.42
N VAL B 62 12.00 15.21 9.68
CA VAL B 62 11.18 14.36 8.84
C VAL B 62 12.03 13.70 7.75
N LEU B 63 12.89 14.50 7.11
CA LEU B 63 13.77 13.98 6.08
C LEU B 63 14.72 12.93 6.64
N LYS B 64 15.26 13.19 7.84
CA LYS B 64 16.16 12.23 8.47
C LYS B 64 15.45 10.91 8.75
N VAL B 65 14.21 10.98 9.23
CA VAL B 65 13.46 9.75 9.52
C VAL B 65 13.20 8.97 8.23
N PHE B 66 12.73 9.67 7.19
CA PHE B 66 12.44 9.00 5.93
C PHE B 66 13.69 8.37 5.34
N LEU B 67 14.81 9.10 5.36
CA LEU B 67 16.06 8.57 4.84
C LEU B 67 16.55 7.40 5.67
N GLU B 68 16.38 7.46 6.99
CA GLU B 68 16.79 6.35 7.83
C GLU B 68 16.03 5.08 7.47
N ASN B 69 14.71 5.19 7.30
CA ASN B 69 13.93 4.02 6.95
C ASN B 69 14.34 3.46 5.58
N VAL B 70 14.41 4.33 4.58
CA VAL B 70 14.71 3.87 3.22
C VAL B 70 16.11 3.28 3.14
N ILE B 71 17.08 3.94 3.78
CA ILE B 71 18.46 3.46 3.74
C ILE B 71 18.60 2.15 4.53
N ARG B 72 17.87 2.00 5.63
CA ARG B 72 17.93 0.74 6.35
C ARG B 72 17.40 -0.41 5.50
N ASP B 73 16.29 -0.19 4.80
CA ASP B 73 15.79 -1.24 3.92
C ASP B 73 16.75 -1.52 2.78
N ALA B 74 17.35 -0.47 2.21
CA ALA B 74 18.32 -0.66 1.12
C ALA B 74 19.54 -1.44 1.60
N VAL B 75 20.03 -1.14 2.80
CA VAL B 75 21.17 -1.85 3.34
C VAL B 75 20.84 -3.30 3.63
N THR B 76 19.61 -3.55 4.10
CA THR B 76 19.19 -4.94 4.30
C THR B 76 19.17 -5.70 2.97
N TYR B 77 18.63 -5.07 1.93
CA TYR B 77 18.61 -5.70 0.61
C TYR B 77 20.02 -5.95 0.10
N THR B 78 20.93 -4.99 0.32
CA THR B 78 22.31 -5.15 -0.14
C THR B 78 23.02 -6.27 0.60
N GLU B 79 22.91 -6.29 1.93
CA GLU B 79 23.63 -7.27 2.73
C GLU B 79 23.02 -8.67 2.61
N HIS B 80 21.77 -8.78 2.16
CA HIS B 80 21.25 -10.10 1.84
C HIS B 80 21.99 -10.72 0.67
N ALA B 81 22.47 -9.90 -0.26
CA ALA B 81 23.19 -10.37 -1.44
C ALA B 81 24.69 -10.49 -1.19
N LYS B 82 25.13 -10.40 0.07
CA LYS B 82 26.55 -10.47 0.41
C LYS B 82 27.36 -9.43 -0.34
N ARG B 83 26.79 -8.23 -0.49
CA ARG B 83 27.44 -7.13 -1.19
C ARG B 83 27.85 -6.05 -0.19
N LYS B 84 28.71 -5.15 -0.66
CA LYS B 84 29.18 -4.04 0.14
C LYS B 84 28.92 -2.68 -0.50
N THR B 85 28.34 -2.64 -1.70
CA THR B 85 27.96 -1.40 -2.36
C THR B 85 26.45 -1.38 -2.53
N VAL B 86 25.81 -0.33 -2.05
CA VAL B 86 24.37 -0.17 -2.20
C VAL B 86 24.09 0.29 -3.62
N THR B 87 23.51 -0.59 -4.44
CA THR B 87 23.20 -0.27 -5.82
C THR B 87 21.94 0.58 -5.89
N ALA B 88 21.62 1.04 -7.10
CA ALA B 88 20.39 1.81 -7.29
C ALA B 88 19.16 0.92 -7.20
N MET B 89 19.29 -0.34 -7.63
CA MET B 89 18.15 -1.24 -7.59
C MET B 89 17.75 -1.58 -6.16
N ASP B 90 18.72 -1.60 -5.24
CA ASP B 90 18.37 -1.80 -3.82
C ASP B 90 17.52 -0.65 -3.31
N VAL B 91 17.87 0.59 -3.67
CA VAL B 91 17.07 1.73 -3.27
C VAL B 91 15.69 1.68 -3.93
N VAL B 92 15.63 1.25 -5.19
CA VAL B 92 14.35 1.13 -5.87
C VAL B 92 13.45 0.10 -5.17
N TYR B 93 14.02 -1.05 -4.82
CA TYR B 93 13.25 -2.07 -4.10
C TYR B 93 12.82 -1.58 -2.72
N ALA B 94 13.69 -0.87 -2.02
CA ALA B 94 13.32 -0.33 -0.72
C ALA B 94 12.17 0.66 -0.85
N LEU B 95 12.21 1.54 -1.85
CA LEU B 95 11.14 2.49 -2.04
C LEU B 95 9.85 1.80 -2.44
N LYS B 96 9.94 0.73 -3.25
CA LYS B 96 8.76 -0.06 -3.56
C LYS B 96 8.17 -0.69 -2.30
N ARG B 97 9.04 -1.14 -1.39
CA ARG B 97 8.56 -1.68 -0.12
C ARG B 97 7.85 -0.60 0.70
N GLN B 98 8.39 0.62 0.73
CA GLN B 98 7.73 1.71 1.42
C GLN B 98 6.38 2.06 0.81
N GLY B 99 6.13 1.64 -0.42
CA GLY B 99 4.90 1.96 -1.11
C GLY B 99 5.00 3.09 -2.11
N ARG B 100 6.18 3.67 -2.29
CA ARG B 100 6.39 4.77 -3.23
C ARG B 100 7.34 4.29 -4.32
N THR B 101 6.78 3.74 -5.39
CA THR B 101 7.57 3.25 -6.51
C THR B 101 8.31 4.41 -7.17
N LEU B 102 9.52 4.14 -7.64
CA LEU B 102 10.36 5.13 -8.30
C LEU B 102 10.66 4.68 -9.72
N TYR B 103 10.40 5.56 -10.68
CA TYR B 103 10.65 5.31 -12.09
C TYR B 103 11.86 6.10 -12.54
N GLY B 104 12.80 5.42 -13.19
CA GLY B 104 13.94 6.12 -13.77
C GLY B 104 15.28 5.45 -13.54
N PHE B 105 15.35 4.57 -12.55
CA PHE B 105 16.60 3.92 -12.20
C PHE B 105 16.56 2.41 -12.30
N GLY B 106 15.45 1.84 -12.78
CA GLY B 106 15.36 0.40 -12.95
C GLY B 106 14.08 -0.19 -12.37
N ALA C 13 8.83 -46.81 6.05
CA ALA C 13 9.00 -46.10 7.32
C ALA C 13 9.28 -47.08 8.46
N ARG C 14 10.45 -47.71 8.42
CA ARG C 14 10.82 -48.65 9.47
C ARG C 14 10.95 -47.95 10.82
N ALA C 15 11.57 -46.78 10.84
CA ALA C 15 11.74 -46.04 12.09
C ALA C 15 10.45 -45.32 12.47
N LYS C 16 10.36 -44.96 13.75
CA LYS C 16 9.18 -44.24 14.24
C LYS C 16 9.13 -42.84 13.63
N ALA C 17 7.93 -42.41 13.25
CA ALA C 17 7.76 -41.11 12.61
C ALA C 17 7.93 -40.00 13.63
N LYS C 18 9.06 -39.29 13.57
CA LYS C 18 9.31 -38.14 14.43
C LYS C 18 9.01 -36.88 13.63
N THR C 19 7.96 -36.17 14.01
CA THR C 19 7.57 -34.96 13.30
C THR C 19 8.68 -33.92 13.38
N ARG C 20 8.91 -33.21 12.28
CA ARG C 20 9.92 -32.17 12.25
C ARG C 20 9.60 -31.01 13.19
N SER C 21 8.33 -30.85 13.56
CA SER C 21 7.98 -29.82 14.53
C SER C 21 8.49 -30.14 15.93
N SER C 22 8.61 -31.42 16.28
CA SER C 22 9.20 -31.79 17.55
C SER C 22 10.71 -31.66 17.52
N ARG C 23 11.33 -31.86 16.35
CA ARG C 23 12.77 -31.70 16.24
C ARG C 23 13.20 -30.26 16.51
N ALA C 24 12.46 -29.30 15.97
CA ALA C 24 12.77 -27.89 16.17
C ALA C 24 12.22 -27.34 17.48
N GLY C 25 11.49 -28.15 18.24
CA GLY C 25 10.93 -27.68 19.51
C GLY C 25 9.87 -26.63 19.35
N LEU C 26 9.04 -26.73 18.32
CA LEU C 26 7.98 -25.78 18.05
C LEU C 26 6.62 -26.41 18.29
N GLN C 27 5.60 -25.56 18.24
CA GLN C 27 4.20 -26.00 18.27
C GLN C 27 3.52 -25.87 16.92
N PHE C 28 3.89 -24.88 16.12
CA PHE C 28 3.33 -24.73 14.80
C PHE C 28 3.87 -25.82 13.87
N PRO C 29 3.12 -26.16 12.82
CA PRO C 29 3.55 -27.26 11.95
C PRO C 29 4.57 -26.80 10.94
N VAL C 30 5.70 -27.49 10.87
CA VAL C 30 6.69 -27.19 9.84
C VAL C 30 6.40 -27.96 8.56
N GLY C 31 5.76 -29.13 8.66
CA GLY C 31 5.36 -29.83 7.45
C GLY C 31 4.29 -29.09 6.68
N ARG C 32 3.29 -28.57 7.38
CA ARG C 32 2.25 -27.79 6.72
C ARG C 32 2.81 -26.53 6.10
N VAL C 33 3.72 -25.85 6.81
CA VAL C 33 4.35 -24.65 6.26
C VAL C 33 5.19 -25.00 5.04
N HIS C 34 5.91 -26.12 5.08
CA HIS C 34 6.69 -26.54 3.92
C HIS C 34 5.80 -26.82 2.72
N ARG C 35 4.68 -27.52 2.95
CA ARG C 35 3.76 -27.80 1.86
C ARG C 35 3.16 -26.52 1.29
N LEU C 36 2.80 -25.57 2.17
CA LEU C 36 2.25 -24.30 1.70
C LEU C 36 3.28 -23.52 0.90
N LEU C 37 4.54 -23.53 1.33
CA LEU C 37 5.59 -22.85 0.59
C LEU C 37 5.83 -23.50 -0.76
N ARG C 38 5.73 -24.83 -0.82
CA ARG C 38 5.95 -25.53 -2.08
C ARG C 38 4.79 -25.27 -3.06
N LYS C 39 3.57 -25.56 -2.63
CA LYS C 39 2.41 -25.45 -3.49
C LYS C 39 1.86 -24.04 -3.59
N GLY C 40 2.40 -23.09 -2.84
CA GLY C 40 1.99 -21.71 -2.97
C GLY C 40 2.62 -20.97 -4.12
N ASN C 41 3.52 -21.63 -4.85
CA ASN C 41 4.21 -21.05 -6.00
C ASN C 41 4.97 -19.79 -5.62
N TYR C 42 5.94 -19.95 -4.72
CA TYR C 42 6.85 -18.87 -4.37
C TYR C 42 8.22 -19.03 -5.01
N SER C 43 8.68 -20.26 -5.21
CA SER C 43 9.94 -20.50 -5.90
C SER C 43 9.95 -21.93 -6.43
N GLU C 44 10.95 -22.21 -7.26
CA GLU C 44 11.13 -23.56 -7.80
C GLU C 44 11.44 -24.57 -6.70
N ARG C 45 12.30 -24.19 -5.75
CA ARG C 45 12.65 -25.05 -4.63
C ARG C 45 12.59 -24.25 -3.33
N VAL C 46 12.39 -24.96 -2.23
CA VAL C 46 12.41 -24.38 -0.89
C VAL C 46 13.35 -25.19 -0.03
N GLY C 47 14.20 -24.51 0.74
CA GLY C 47 15.15 -25.18 1.58
C GLY C 47 14.51 -25.87 2.76
N ALA C 48 15.27 -26.75 3.39
CA ALA C 48 14.76 -27.48 4.55
C ALA C 48 14.59 -26.59 5.77
N GLY C 49 15.43 -25.57 5.90
CA GLY C 49 15.37 -24.66 7.03
C GLY C 49 14.44 -23.48 6.87
N ALA C 50 13.75 -23.38 5.74
CA ALA C 50 12.82 -22.28 5.53
C ALA C 50 11.49 -22.52 6.25
N PRO C 51 10.86 -23.71 6.13
CA PRO C 51 9.65 -23.94 6.94
C PRO C 51 9.88 -23.84 8.42
N VAL C 52 11.05 -24.29 8.91
CA VAL C 52 11.34 -24.22 10.34
C VAL C 52 11.41 -22.76 10.79
N TYR C 53 12.13 -21.94 10.04
CA TYR C 53 12.25 -20.52 10.40
C TYR C 53 10.89 -19.82 10.34
N LEU C 54 10.12 -20.08 9.28
CA LEU C 54 8.82 -19.44 9.15
C LEU C 54 7.88 -19.86 10.27
N ALA C 55 7.88 -21.15 10.62
CA ALA C 55 7.04 -21.62 11.71
C ALA C 55 7.46 -21.02 13.04
N ALA C 56 8.76 -20.88 13.27
CA ALA C 56 9.24 -20.27 14.51
C ALA C 56 8.79 -18.82 14.60
N VAL C 57 8.91 -18.07 13.50
CA VAL C 57 8.49 -16.68 13.52
C VAL C 57 6.99 -16.56 13.73
N LEU C 58 6.20 -17.41 13.05
CA LEU C 58 4.76 -17.39 13.23
C LEU C 58 4.38 -17.71 14.67
N GLU C 59 5.04 -18.71 15.27
CA GLU C 59 4.75 -19.08 16.64
C GLU C 59 5.11 -17.95 17.59
N TYR C 60 6.24 -17.26 17.35
CA TYR C 60 6.61 -16.15 18.22
C TYR C 60 5.58 -15.03 18.14
N LEU C 61 5.16 -14.66 16.92
CA LEU C 61 4.18 -13.59 16.78
C LEU C 61 2.85 -13.97 17.43
N THR C 62 2.41 -15.21 17.22
CA THR C 62 1.16 -15.67 17.83
C THR C 62 1.26 -15.66 19.34
N ALA C 63 2.39 -16.10 19.89
CA ALA C 63 2.56 -16.10 21.34
C ALA C 63 2.55 -14.68 21.89
N GLU C 64 3.19 -13.75 21.20
CA GLU C 64 3.18 -12.35 21.64
C GLU C 64 1.75 -11.80 21.67
N ILE C 65 1.00 -11.99 20.58
CA ILE C 65 -0.36 -11.47 20.51
C ILE C 65 -1.24 -12.14 21.56
N LEU C 66 -1.08 -13.46 21.76
CA LEU C 66 -1.91 -14.16 22.72
C LEU C 66 -1.59 -13.75 24.15
N GLU C 67 -0.31 -13.50 24.45
CA GLU C 67 0.05 -13.03 25.78
C GLU C 67 -0.54 -11.66 26.06
N LEU C 68 -0.43 -10.75 25.09
CA LEU C 68 -1.00 -9.41 25.29
C LEU C 68 -2.52 -9.47 25.39
N ALA C 69 -3.17 -10.32 24.59
CA ALA C 69 -4.61 -10.46 24.65
C ALA C 69 -5.05 -11.06 25.98
N GLY C 70 -4.29 -12.02 26.50
CA GLY C 70 -4.62 -12.57 27.80
C GLY C 70 -4.46 -11.55 28.91
N ASN C 71 -3.43 -10.71 28.83
CA ASN C 71 -3.29 -9.64 29.80
C ASN C 71 -4.47 -8.68 29.73
N ALA C 72 -4.89 -8.31 28.51
CA ALA C 72 -6.04 -7.41 28.36
C ALA C 72 -7.32 -8.05 28.88
N ALA C 73 -7.52 -9.35 28.63
CA ALA C 73 -8.70 -10.03 29.12
C ALA C 73 -8.71 -10.12 30.64
N ARG C 74 -7.55 -10.37 31.25
CA ARG C 74 -7.47 -10.39 32.70
C ARG C 74 -7.72 -9.00 33.28
N ASP C 75 -7.31 -7.94 32.56
CA ASP C 75 -7.60 -6.59 33.02
C ASP C 75 -9.10 -6.30 33.04
N ASN C 76 -9.87 -6.98 32.20
CA ASN C 76 -11.31 -6.77 32.12
C ASN C 76 -12.11 -7.82 32.89
N LYS C 77 -11.44 -8.58 33.76
CA LYS C 77 -12.09 -9.62 34.57
C LYS C 77 -12.76 -10.68 33.72
N LYS C 78 -12.19 -10.97 32.55
CA LYS C 78 -12.70 -12.01 31.66
C LYS C 78 -11.66 -13.12 31.50
N THR C 79 -12.14 -14.34 31.36
CA THR C 79 -11.30 -15.52 31.19
C THR C 79 -11.53 -16.16 29.83
N ARG C 80 -11.73 -15.33 28.80
CA ARG C 80 -11.97 -15.83 27.45
C ARG C 80 -11.65 -14.71 26.48
N ILE C 81 -10.65 -14.94 25.61
CA ILE C 81 -10.22 -13.90 24.70
C ILE C 81 -11.25 -13.72 23.59
N ILE C 82 -11.70 -12.49 23.41
CA ILE C 82 -12.68 -12.14 22.37
C ILE C 82 -12.01 -11.18 21.41
N PRO C 83 -12.61 -10.87 20.25
CA PRO C 83 -11.94 -9.94 19.31
C PRO C 83 -11.63 -8.58 19.93
N ARG C 84 -12.44 -8.11 20.87
CA ARG C 84 -12.16 -6.83 21.51
C ARG C 84 -10.82 -6.85 22.23
N HIS C 85 -10.52 -7.95 22.93
CA HIS C 85 -9.24 -8.07 23.60
C HIS C 85 -8.09 -8.12 22.60
N LEU C 86 -8.30 -8.79 21.46
CA LEU C 86 -7.27 -8.81 20.43
C LEU C 86 -6.99 -7.41 19.90
N GLN C 87 -8.04 -6.63 19.64
CA GLN C 87 -7.85 -5.26 19.18
C GLN C 87 -7.15 -4.41 20.23
N LEU C 88 -7.53 -4.57 21.49
CA LEU C 88 -6.87 -3.84 22.57
C LEU C 88 -5.40 -4.19 22.63
N ALA C 89 -5.06 -5.48 22.51
CA ALA C 89 -3.67 -5.89 22.56
C ALA C 89 -2.88 -5.34 21.38
N ILE C 90 -3.47 -5.37 20.18
CA ILE C 90 -2.77 -4.90 18.99
C ILE C 90 -2.53 -3.40 19.07
N ARG C 91 -3.54 -2.64 19.47
CA ARG C 91 -3.43 -1.18 19.43
C ARG C 91 -2.57 -0.63 20.55
N ASN C 92 -2.51 -1.31 21.69
CA ASN C 92 -1.74 -0.79 22.83
C ASN C 92 -0.25 -1.06 22.72
N ASP C 93 0.19 -1.89 21.77
CA ASP C 93 1.60 -2.18 21.57
C ASP C 93 2.07 -1.46 20.32
N GLU C 94 3.14 -0.67 20.47
CA GLU C 94 3.61 0.16 19.36
C GLU C 94 4.07 -0.68 18.18
N GLU C 95 4.84 -1.74 18.45
CA GLU C 95 5.36 -2.57 17.37
C GLU C 95 4.25 -3.32 16.66
N LEU C 96 3.34 -3.93 17.43
CA LEU C 96 2.22 -4.64 16.82
C LEU C 96 1.28 -3.69 16.09
N ASN C 97 1.03 -2.51 16.65
CA ASN C 97 0.18 -1.53 15.99
C ASN C 97 0.78 -1.08 14.67
N LYS C 98 2.10 -0.85 14.65
CA LYS C 98 2.75 -0.50 13.40
C LYS C 98 2.69 -1.65 12.40
N LEU C 99 2.87 -2.88 12.88
CA LEU C 99 2.77 -4.05 12.01
C LEU C 99 1.36 -4.18 11.44
N LEU C 100 0.38 -4.37 12.31
CA LEU C 100 -1.02 -4.47 11.90
C LEU C 100 -1.66 -3.08 11.94
N GLY C 101 -1.18 -2.23 11.02
CA GLY C 101 -1.65 -0.86 10.96
C GLY C 101 -2.81 -0.64 10.01
N ARG C 102 -2.81 -1.38 8.90
CA ARG C 102 -3.87 -1.25 7.91
C ARG C 102 -5.04 -2.19 8.16
N VAL C 103 -4.82 -3.29 8.88
CA VAL C 103 -5.87 -4.28 9.05
C VAL C 103 -6.96 -3.74 9.98
N THR C 104 -8.17 -4.24 9.78
CA THR C 104 -9.29 -3.98 10.67
C THR C 104 -9.74 -5.30 11.26
N ILE C 105 -9.96 -5.32 12.58
CA ILE C 105 -10.33 -6.53 13.30
C ILE C 105 -11.83 -6.49 13.53
N ALA C 106 -12.54 -7.49 13.02
CA ALA C 106 -13.99 -7.50 13.11
C ALA C 106 -14.44 -7.57 14.56
N GLN C 107 -15.40 -6.72 14.92
CA GLN C 107 -15.93 -6.64 16.28
C GLN C 107 -14.84 -6.34 17.29
N GLY C 108 -13.85 -5.54 16.90
CA GLY C 108 -12.76 -5.20 17.79
C GLY C 108 -12.93 -3.86 18.47
N GLY C 109 -13.89 -3.06 18.00
CA GLY C 109 -14.11 -1.76 18.62
C GLY C 109 -13.00 -0.77 18.30
N VAL C 110 -12.96 0.29 19.10
CA VAL C 110 -12.02 1.38 18.94
C VAL C 110 -11.39 1.70 20.29
N LEU C 111 -10.11 2.04 20.28
CA LEU C 111 -9.42 2.42 21.51
C LEU C 111 -10.08 3.65 22.11
N PRO C 112 -10.37 3.66 23.42
CA PRO C 112 -11.02 4.84 24.03
C PRO C 112 -10.08 6.02 24.17
N ASN C 113 -9.92 6.81 23.10
CA ASN C 113 -9.07 7.99 23.10
C ASN C 113 -9.92 9.20 22.75
N ILE C 114 -10.08 10.11 23.71
CA ILE C 114 -10.78 11.37 23.51
C ILE C 114 -9.76 12.50 23.55
N GLN C 115 -9.81 13.37 22.53
CA GLN C 115 -8.87 14.48 22.47
C GLN C 115 -9.06 15.40 23.66
N ALA C 116 -7.94 15.85 24.24
CA ALA C 116 -8.01 16.68 25.44
C ALA C 116 -8.66 18.03 25.20
N VAL C 117 -8.68 18.51 23.96
CA VAL C 117 -9.28 19.80 23.68
C VAL C 117 -10.79 19.77 23.91
N LEU C 118 -11.44 18.67 23.53
CA LEU C 118 -12.89 18.57 23.67
C LEU C 118 -13.32 18.45 25.13
N LEU C 119 -12.45 17.93 25.99
CA LEU C 119 -12.78 17.78 27.38
C LEU C 119 -12.93 19.15 28.06
N PRO C 120 -13.80 19.26 29.07
CA PRO C 120 -14.00 20.52 29.78
C PRO C 120 -12.80 20.91 30.63
N SER D 37 -15.32 -31.58 2.09
CA SER D 37 -13.93 -31.17 2.02
C SER D 37 -13.27 -31.19 3.40
N ARG D 38 -11.95 -31.11 3.42
CA ARG D 38 -11.17 -31.10 4.65
C ARG D 38 -10.39 -29.77 4.69
N LYS D 39 -11.03 -28.75 5.23
CA LYS D 39 -10.41 -27.43 5.32
C LYS D 39 -9.39 -27.40 6.46
N GLU D 40 -8.25 -26.76 6.21
CA GLU D 40 -7.15 -26.69 7.15
C GLU D 40 -7.10 -25.33 7.82
N SER D 41 -6.65 -25.31 9.06
CA SER D 41 -6.56 -24.07 9.83
C SER D 41 -5.55 -24.26 10.96
N TYR D 42 -5.08 -23.13 11.49
CA TYR D 42 -4.13 -23.12 12.59
C TYR D 42 -4.79 -23.11 13.96
N SER D 43 -6.04 -23.61 14.05
CA SER D 43 -6.77 -23.52 15.30
C SER D 43 -6.09 -24.32 16.42
N VAL D 44 -5.68 -25.55 16.12
CA VAL D 44 -5.09 -26.39 17.15
C VAL D 44 -3.76 -25.85 17.61
N TYR D 45 -2.97 -25.30 16.68
CA TYR D 45 -1.65 -24.76 17.05
C TYR D 45 -1.79 -23.47 17.84
N VAL D 46 -2.72 -22.61 17.45
CA VAL D 46 -2.99 -21.39 18.21
C VAL D 46 -3.46 -21.75 19.62
N TYR D 47 -4.32 -22.76 19.73
CA TYR D 47 -4.78 -23.20 21.04
C TYR D 47 -3.63 -23.75 21.88
N LYS D 48 -2.72 -24.51 21.27
CA LYS D 48 -1.57 -25.02 21.99
C LYS D 48 -0.68 -23.88 22.49
N VAL D 49 -0.44 -22.87 21.65
CA VAL D 49 0.36 -21.73 22.06
C VAL D 49 -0.33 -20.98 23.20
N LEU D 50 -1.65 -20.82 23.11
CA LEU D 50 -2.38 -20.12 24.17
C LEU D 50 -2.30 -20.88 25.48
N LYS D 51 -2.44 -22.20 25.44
CA LYS D 51 -2.30 -22.99 26.66
C LYS D 51 -0.87 -22.96 27.19
N GLN D 52 0.12 -22.76 26.30
CA GLN D 52 1.49 -22.62 26.74
C GLN D 52 1.71 -21.30 27.47
N VAL D 53 1.18 -20.21 26.93
CA VAL D 53 1.37 -18.90 27.54
C VAL D 53 0.45 -18.71 28.74
N HIS D 54 -0.87 -18.78 28.50
CA HIS D 54 -1.85 -18.62 29.57
C HIS D 54 -2.48 -19.97 29.88
N PRO D 55 -2.11 -20.62 30.98
CA PRO D 55 -2.61 -21.98 31.24
C PRO D 55 -4.12 -22.06 31.39
N ASP D 56 -4.77 -21.04 31.94
CA ASP D 56 -6.18 -21.09 32.28
C ASP D 56 -6.94 -19.94 31.65
N THR D 57 -6.71 -19.72 30.35
CA THR D 57 -7.44 -18.71 29.59
C THR D 57 -7.90 -19.33 28.28
N GLY D 58 -9.20 -19.30 28.03
CA GLY D 58 -9.76 -19.81 26.80
C GLY D 58 -9.65 -18.80 25.68
N ILE D 59 -10.27 -19.14 24.55
CA ILE D 59 -10.30 -18.24 23.40
C ILE D 59 -11.60 -18.46 22.65
N SER D 60 -12.23 -17.36 22.24
CA SER D 60 -13.49 -17.45 21.53
C SER D 60 -13.29 -17.94 20.11
N SER D 61 -14.36 -18.49 19.53
CA SER D 61 -14.29 -18.99 18.16
C SER D 61 -13.99 -17.86 17.18
N LYS D 62 -14.62 -16.69 17.36
CA LYS D 62 -14.31 -15.55 16.52
C LYS D 62 -12.89 -15.06 16.74
N ALA D 63 -12.44 -15.06 18.00
CA ALA D 63 -11.06 -14.68 18.28
C ALA D 63 -10.07 -15.65 17.66
N MET D 64 -10.38 -16.95 17.70
CA MET D 64 -9.51 -17.92 17.05
C MET D 64 -9.52 -17.76 15.54
N GLY D 65 -10.66 -17.43 14.95
CA GLY D 65 -10.70 -17.13 13.53
C GLY D 65 -9.86 -15.92 13.18
N ILE D 66 -9.88 -14.90 14.02
CA ILE D 66 -9.05 -13.72 13.80
C ILE D 66 -7.57 -14.07 13.94
N MET D 67 -7.23 -14.92 14.91
CA MET D 67 -5.86 -15.37 15.05
C MET D 67 -5.39 -16.14 13.82
N ASN D 68 -6.25 -17.02 13.30
CA ASN D 68 -5.90 -17.78 12.09
C ASN D 68 -5.73 -16.85 10.90
N SER D 69 -6.60 -15.84 10.78
CA SER D 69 -6.46 -14.86 9.71
C SER D 69 -5.14 -14.10 9.82
N PHE D 70 -4.77 -13.71 11.03
CA PHE D 70 -3.51 -13.00 11.24
C PHE D 70 -2.32 -13.88 10.87
N VAL D 71 -2.36 -15.15 11.28
CA VAL D 71 -1.27 -16.06 10.98
C VAL D 71 -1.14 -16.25 9.47
N ASN D 72 -2.28 -16.44 8.78
CA ASN D 72 -2.23 -16.59 7.33
C ASN D 72 -1.69 -15.33 6.65
N ASP D 73 -2.12 -14.16 7.11
CA ASP D 73 -1.66 -12.91 6.51
C ASP D 73 -0.16 -12.74 6.68
N ILE D 74 0.35 -13.01 7.89
CA ILE D 74 1.79 -12.85 8.12
C ILE D 74 2.57 -13.91 7.34
N PHE D 75 2.05 -15.13 7.27
CA PHE D 75 2.69 -16.17 6.47
C PHE D 75 2.81 -15.73 5.02
N GLU D 76 1.71 -15.23 4.43
CA GLU D 76 1.74 -14.80 3.04
C GLU D 76 2.66 -13.59 2.84
N ARG D 77 2.71 -12.67 3.80
CA ARG D 77 3.61 -11.52 3.70
C ARG D 77 5.06 -11.97 3.67
N ILE D 78 5.45 -12.79 4.65
CA ILE D 78 6.85 -13.23 4.74
C ILE D 78 7.21 -14.09 3.52
N ALA D 79 6.30 -14.98 3.10
CA ALA D 79 6.60 -15.82 1.95
C ALA D 79 6.74 -15.01 0.68
N GLY D 80 5.87 -14.00 0.48
CA GLY D 80 6.00 -13.16 -0.69
C GLY D 80 7.27 -12.35 -0.69
N GLU D 81 7.65 -11.80 0.46
CA GLU D 81 8.91 -11.06 0.54
C GLU D 81 10.10 -11.97 0.30
N ALA D 82 10.06 -13.20 0.83
CA ALA D 82 11.15 -14.14 0.60
C ALA D 82 11.24 -14.52 -0.88
N SER D 83 10.10 -14.72 -1.53
CA SER D 83 10.10 -15.03 -2.96
C SER D 83 10.69 -13.87 -3.77
N ARG D 84 10.28 -12.64 -3.45
CA ARG D 84 10.82 -11.49 -4.16
C ARG D 84 12.32 -11.35 -3.93
N LEU D 85 12.77 -11.57 -2.69
CA LEU D 85 14.19 -11.49 -2.40
C LEU D 85 14.97 -12.56 -3.16
N ALA D 86 14.44 -13.78 -3.20
CA ALA D 86 15.13 -14.85 -3.93
C ALA D 86 15.17 -14.54 -5.42
N HIS D 87 14.10 -13.97 -5.97
N HIS D 87 14.10 -13.98 -5.97
CA HIS D 87 14.09 -13.67 -7.40
CA HIS D 87 14.08 -13.66 -7.40
C HIS D 87 15.00 -12.50 -7.73
C HIS D 87 15.01 -12.51 -7.73
N TYR D 88 15.17 -11.56 -6.80
CA TYR D 88 16.05 -10.41 -7.06
C TYR D 88 17.50 -10.84 -7.25
N ASN D 89 17.98 -11.78 -6.45
CA ASN D 89 19.34 -12.28 -6.57
C ASN D 89 19.47 -13.43 -7.57
N LYS D 90 18.47 -13.64 -8.41
CA LYS D 90 18.50 -14.68 -9.44
C LYS D 90 18.66 -16.07 -8.83
N ARG D 91 18.20 -16.24 -7.60
N ARG D 91 18.19 -16.25 -7.60
CA ARG D 91 18.24 -17.51 -6.92
CA ARG D 91 18.27 -17.54 -6.95
C ARG D 91 17.05 -18.37 -7.32
C ARG D 91 17.05 -18.38 -7.33
N SER D 92 17.01 -19.61 -6.81
CA SER D 92 15.90 -20.51 -7.06
C SER D 92 15.37 -21.19 -5.82
N THR D 93 16.03 -21.06 -4.68
CA THR D 93 15.64 -21.71 -3.44
C THR D 93 15.39 -20.67 -2.36
N ILE D 94 14.23 -20.76 -1.71
CA ILE D 94 13.99 -20.02 -0.47
C ILE D 94 14.58 -20.87 0.64
N THR D 95 15.78 -20.50 1.07
CA THR D 95 16.40 -21.13 2.23
C THR D 95 16.06 -20.29 3.46
N SER D 96 16.74 -20.57 4.58
CA SER D 96 16.45 -19.82 5.80
C SER D 96 16.95 -18.38 5.70
N ARG D 97 17.93 -18.10 4.85
CA ARG D 97 18.43 -16.73 4.71
C ARG D 97 17.36 -15.80 4.15
N GLU D 98 16.63 -16.27 3.12
CA GLU D 98 15.57 -15.45 2.56
C GLU D 98 14.48 -15.17 3.58
N ILE D 99 14.10 -16.19 4.36
CA ILE D 99 13.08 -16.00 5.38
C ILE D 99 13.56 -15.03 6.44
N GLN D 100 14.81 -15.15 6.86
CA GLN D 100 15.34 -14.24 7.87
C GLN D 100 15.39 -12.80 7.38
N THR D 101 15.79 -12.59 6.13
CA THR D 101 15.84 -11.24 5.60
C THR D 101 14.43 -10.68 5.40
N ALA D 102 13.48 -11.51 4.99
CA ALA D 102 12.09 -11.06 4.89
C ALA D 102 11.53 -10.69 6.25
N VAL D 103 11.89 -11.45 7.29
CA VAL D 103 11.48 -11.10 8.65
C VAL D 103 12.09 -9.77 9.06
N ARG D 104 13.36 -9.56 8.74
CA ARG D 104 14.01 -8.29 9.06
C ARG D 104 13.33 -7.13 8.35
N LEU D 105 12.89 -7.35 7.11
CA LEU D 105 12.26 -6.29 6.34
C LEU D 105 10.84 -5.99 6.81
N LEU D 106 10.09 -7.02 7.20
CA LEU D 106 8.68 -6.82 7.52
C LEU D 106 8.46 -6.35 8.94
N LEU D 107 8.89 -7.14 9.92
CA LEU D 107 8.56 -6.85 11.31
C LEU D 107 9.35 -5.63 11.79
N PRO D 108 8.71 -4.73 12.56
CA PRO D 108 9.37 -3.48 12.94
C PRO D 108 10.11 -3.55 14.27
N GLY D 109 11.31 -2.99 14.30
CA GLY D 109 12.00 -2.78 15.57
C GLY D 109 12.29 -4.06 16.32
N GLU D 110 11.94 -4.05 17.61
CA GLU D 110 12.28 -5.17 18.48
C GLU D 110 11.59 -6.46 18.05
N LEU D 111 10.44 -6.35 17.39
CA LEU D 111 9.77 -7.54 16.89
C LEU D 111 10.65 -8.29 15.92
N ALA D 112 11.30 -7.56 14.99
CA ALA D 112 12.19 -8.21 14.04
C ALA D 112 13.36 -8.87 14.74
N LYS D 113 13.95 -8.19 15.73
CA LYS D 113 15.10 -8.75 16.44
C LYS D 113 14.72 -10.05 17.16
N HIS D 114 13.59 -10.03 17.87
N HIS D 114 13.59 -10.03 17.87
CA HIS D 114 13.18 -11.20 18.63
CA HIS D 114 13.18 -11.20 18.63
C HIS D 114 12.75 -12.34 17.71
C HIS D 114 12.75 -12.34 17.71
N ALA D 115 12.06 -12.03 16.62
CA ALA D 115 11.66 -13.07 15.67
C ALA D 115 12.89 -13.70 15.02
N VAL D 116 13.89 -12.89 14.68
CA VAL D 116 15.13 -13.41 14.11
C VAL D 116 15.82 -14.31 15.11
N SER D 117 15.89 -13.89 16.38
CA SER D 117 16.52 -14.72 17.40
C SER D 117 15.80 -16.05 17.57
N GLU D 118 14.46 -16.01 17.64
CA GLU D 118 13.69 -17.23 17.82
C GLU D 118 13.82 -18.16 16.61
N GLY D 119 13.78 -17.60 15.40
CA GLY D 119 13.94 -18.43 14.21
C GLY D 119 15.33 -19.05 14.12
N THR D 120 16.36 -18.29 14.47
CA THR D 120 17.70 -18.84 14.47
C THR D 120 17.84 -19.95 15.50
N LYS D 121 17.27 -19.75 16.69
CA LYS D 121 17.30 -20.80 17.71
C LYS D 121 16.60 -22.06 17.23
N ALA D 122 15.42 -21.91 16.63
CA ALA D 122 14.69 -23.07 16.15
C ALA D 122 15.44 -23.78 15.03
N VAL D 123 16.02 -23.03 14.09
CA VAL D 123 16.70 -23.66 12.97
C VAL D 123 18.01 -24.31 13.42
N THR D 124 18.68 -23.75 14.44
CA THR D 124 19.90 -24.37 14.94
C THR D 124 19.61 -25.52 15.89
N LYS D 125 18.39 -25.61 16.42
CA LYS D 125 17.97 -26.80 17.14
C LYS D 125 17.48 -27.90 16.22
N TYR D 126 16.97 -27.54 15.04
CA TYR D 126 16.45 -28.53 14.11
C TYR D 126 17.56 -29.30 13.42
N THR D 127 18.63 -28.61 12.99
CA THR D 127 19.72 -29.29 12.30
C THR D 127 20.58 -30.14 13.22
N SER D 128 20.47 -29.96 14.52
CA SER D 128 21.20 -30.80 15.47
C SER D 128 20.37 -32.01 15.90
N ALA D 129 19.87 -32.74 14.92
CA ALA D 129 19.04 -33.93 15.14
C ALA D 129 17.84 -33.62 16.03
N ARG E 43 -31.36 19.72 33.12
CA ARG E 43 -30.95 19.72 31.72
C ARG E 43 -29.45 19.93 31.59
N TYR E 44 -28.77 18.91 31.07
CA TYR E 44 -27.32 19.00 30.88
C TYR E 44 -26.98 20.05 29.84
N ARG E 45 -25.87 20.74 30.05
N ARG E 45 -25.87 20.75 30.04
CA ARG E 45 -25.40 21.72 29.09
CA ARG E 45 -25.42 21.74 29.08
C ARG E 45 -24.95 21.02 27.81
C ARG E 45 -24.93 21.05 27.82
N PRO E 46 -25.02 21.72 26.66
CA PRO E 46 -24.56 21.10 25.41
C PRO E 46 -23.11 20.64 25.46
N GLY E 47 -22.90 19.34 25.35
CA GLY E 47 -21.58 18.73 25.41
C GLY E 47 -21.42 17.71 26.52
N THR E 48 -22.20 17.85 27.60
CA THR E 48 -22.10 16.91 28.71
C THR E 48 -22.53 15.51 28.29
N VAL E 49 -23.63 15.40 27.55
CA VAL E 49 -24.08 14.10 27.07
C VAL E 49 -23.29 13.63 25.86
N ALA E 50 -22.69 14.55 25.10
CA ALA E 50 -21.87 14.15 23.97
C ALA E 50 -20.65 13.34 24.43
N LEU E 51 -20.01 13.78 25.52
CA LEU E 51 -18.87 13.03 26.05
C LEU E 51 -19.31 11.67 26.56
N ARG E 52 -20.48 11.60 27.21
CA ARG E 52 -20.99 10.32 27.67
C ARG E 52 -21.24 9.37 26.51
N GLU E 53 -21.81 9.88 25.42
CA GLU E 53 -22.02 9.06 24.24
C GLU E 53 -20.70 8.61 23.63
N ILE E 54 -19.71 9.50 23.60
CA ILE E 54 -18.39 9.14 23.07
C ILE E 54 -17.79 8.00 23.88
N ARG E 55 -17.85 8.12 25.21
N ARG E 55 -17.85 8.12 25.21
CA ARG E 55 -17.30 7.07 26.06
CA ARG E 55 -17.30 7.07 26.06
C ARG E 55 -18.06 5.77 25.91
C ARG E 55 -18.06 5.77 25.90
N ARG E 56 -19.39 5.83 25.83
CA ARG E 56 -20.19 4.62 25.68
C ARG E 56 -19.89 3.92 24.36
N TYR E 57 -19.78 4.68 23.27
CA TYR E 57 -19.58 4.08 21.96
C TYR E 57 -18.13 3.73 21.69
N GLN E 58 -17.18 4.23 22.46
CA GLN E 58 -15.81 3.74 22.37
C GLN E 58 -15.58 2.53 23.27
N LYS E 59 -16.25 2.46 24.41
CA LYS E 59 -16.14 1.28 25.26
C LYS E 59 -16.75 0.05 24.59
N SER E 60 -17.89 0.22 23.93
CA SER E 60 -18.58 -0.90 23.31
C SER E 60 -17.89 -1.30 22.01
N THR E 61 -18.38 -2.39 21.40
CA THR E 61 -17.79 -2.89 20.16
C THR E 61 -18.82 -3.37 19.15
N GLU E 62 -20.11 -3.14 19.39
CA GLU E 62 -21.15 -3.62 18.48
C GLU E 62 -21.26 -2.72 17.25
N LEU E 63 -21.96 -3.22 16.23
CA LEU E 63 -22.19 -2.46 15.02
C LEU E 63 -23.16 -1.31 15.28
N LEU E 64 -22.93 -0.21 14.58
CA LEU E 64 -23.70 1.00 14.80
C LEU E 64 -24.77 1.25 13.73
N ILE E 65 -24.50 0.91 12.48
CA ILE E 65 -25.52 0.97 11.44
C ILE E 65 -26.42 -0.25 11.55
N ARG E 66 -27.71 -0.05 11.30
N ARG E 66 -27.71 -0.05 11.30
CA ARG E 66 -28.68 -1.14 11.38
CA ARG E 66 -28.66 -1.15 11.41
C ARG E 66 -28.41 -2.19 10.31
C ARG E 66 -28.42 -2.17 10.31
N LYS E 67 -28.79 -3.42 10.60
CA LYS E 67 -28.50 -4.53 9.70
C LYS E 67 -29.26 -4.40 8.38
N LEU E 68 -30.57 -4.11 8.44
CA LEU E 68 -31.40 -4.17 7.24
C LEU E 68 -31.22 -2.98 6.31
N PRO E 69 -31.23 -1.73 6.79
CA PRO E 69 -30.96 -0.61 5.87
C PRO E 69 -29.62 -0.73 5.16
N PHE E 70 -28.58 -1.17 5.85
CA PHE E 70 -27.29 -1.33 5.20
C PHE E 70 -27.32 -2.47 4.18
N GLN E 71 -28.03 -3.56 4.50
CA GLN E 71 -28.15 -4.66 3.55
C GLN E 71 -28.86 -4.20 2.27
N ARG E 72 -29.94 -3.42 2.43
CA ARG E 72 -30.64 -2.89 1.26
C ARG E 72 -29.75 -1.94 0.48
N LEU E 73 -28.97 -1.11 1.18
CA LEU E 73 -28.05 -0.21 0.49
C LEU E 73 -27.02 -0.99 -0.31
N VAL E 74 -26.46 -2.06 0.27
CA VAL E 74 -25.47 -2.86 -0.44
C VAL E 74 -26.09 -3.53 -1.65
N ARG E 75 -27.29 -4.10 -1.50
CA ARG E 75 -27.94 -4.77 -2.61
C ARG E 75 -28.35 -3.79 -3.71
N GLU E 76 -28.63 -2.54 -3.35
CA GLU E 76 -28.93 -1.52 -4.35
C GLU E 76 -27.67 -1.07 -5.08
N ILE E 77 -26.56 -0.91 -4.36
CA ILE E 77 -25.32 -0.52 -4.99
C ILE E 77 -24.83 -1.60 -5.93
N ALA E 78 -25.01 -2.87 -5.55
CA ALA E 78 -24.58 -3.99 -6.39
C ALA E 78 -25.53 -4.26 -7.55
N GLN E 79 -26.54 -3.43 -7.74
CA GLN E 79 -27.49 -3.61 -8.84
C GLN E 79 -27.01 -2.97 -10.14
N ASP E 80 -25.98 -2.13 -10.10
CA ASP E 80 -25.42 -1.54 -11.30
C ASP E 80 -24.25 -2.34 -11.87
N PHE E 81 -23.80 -3.38 -11.18
CA PHE E 81 -22.69 -4.21 -11.64
C PHE E 81 -23.13 -5.56 -12.17
N LYS E 82 -24.15 -6.16 -11.58
CA LYS E 82 -24.64 -7.46 -12.04
C LYS E 82 -26.08 -7.62 -11.57
N THR E 83 -27.00 -7.74 -12.51
CA THR E 83 -28.41 -7.92 -12.16
C THR E 83 -28.65 -9.33 -11.63
N ASP E 84 -29.67 -9.45 -10.78
CA ASP E 84 -30.03 -10.73 -10.15
C ASP E 84 -28.84 -11.32 -9.39
N LEU E 85 -28.25 -10.52 -8.52
CA LEU E 85 -27.07 -10.90 -7.76
C LEU E 85 -27.46 -11.25 -6.34
N ARG E 86 -27.00 -12.41 -5.87
CA ARG E 86 -27.28 -12.88 -4.52
C ARG E 86 -26.09 -12.62 -3.61
N PHE E 87 -26.38 -12.40 -2.33
CA PHE E 87 -25.37 -12.05 -1.35
C PHE E 87 -25.40 -13.06 -0.21
N GLN E 88 -24.22 -13.48 0.24
CA GLN E 88 -24.12 -14.28 1.45
C GLN E 88 -24.30 -13.38 2.68
N SER E 89 -24.79 -13.99 3.76
CA SER E 89 -24.95 -13.23 5.00
C SER E 89 -23.61 -12.77 5.54
N SER E 90 -22.61 -13.64 5.51
CA SER E 90 -21.28 -13.25 5.98
C SER E 90 -20.67 -12.17 5.10
N ALA E 91 -21.00 -12.16 3.80
CA ALA E 91 -20.48 -11.12 2.93
C ALA E 91 -21.04 -9.76 3.31
N VAL E 92 -22.35 -9.68 3.57
CA VAL E 92 -22.95 -8.42 3.99
C VAL E 92 -22.42 -7.99 5.35
N MET E 93 -22.24 -8.95 6.26
CA MET E 93 -21.67 -8.62 7.57
C MET E 93 -20.26 -8.04 7.41
N ALA E 94 -19.43 -8.68 6.59
CA ALA E 94 -18.07 -8.19 6.38
C ALA E 94 -18.07 -6.80 5.75
N LEU E 95 -18.98 -6.58 4.79
CA LEU E 95 -19.09 -5.26 4.19
C LEU E 95 -19.46 -4.22 5.24
N GLN E 96 -20.37 -4.57 6.16
CA GLN E 96 -20.77 -3.63 7.19
C GLN E 96 -19.62 -3.32 8.15
N GLU E 97 -18.89 -4.35 8.57
CA GLU E 97 -17.72 -4.10 9.44
C GLU E 97 -16.70 -3.20 8.74
N ALA E 98 -16.40 -3.49 7.49
CA ALA E 98 -15.41 -2.70 6.76
C ALA E 98 -15.89 -1.25 6.61
N SER E 99 -17.16 -1.06 6.25
CA SER E 99 -17.67 0.29 6.04
C SER E 99 -17.67 1.08 7.34
N GLU E 100 -18.08 0.46 8.45
CA GLU E 100 -18.13 1.18 9.71
C GLU E 100 -16.72 1.47 10.23
N ALA E 101 -15.77 0.54 10.04
CA ALA E 101 -14.39 0.84 10.44
C ALA E 101 -13.82 1.98 9.61
N TYR E 102 -14.08 1.99 8.30
CA TYR E 102 -13.60 3.08 7.47
C TYR E 102 -14.23 4.40 7.88
N LEU E 103 -15.52 4.39 8.18
CA LEU E 103 -16.19 5.64 8.57
C LEU E 103 -15.69 6.13 9.91
N VAL E 104 -15.41 5.22 10.86
CA VAL E 104 -14.88 5.64 12.15
C VAL E 104 -13.48 6.22 12.00
N GLY E 105 -12.63 5.59 11.19
CA GLY E 105 -11.32 6.17 10.95
C GLY E 105 -11.40 7.52 10.26
N LEU E 106 -12.31 7.66 9.30
CA LEU E 106 -12.50 8.93 8.62
C LEU E 106 -12.99 10.00 9.59
N PHE E 107 -13.87 9.63 10.51
CA PHE E 107 -14.35 10.60 11.49
C PHE E 107 -13.27 10.98 12.50
N GLU E 108 -12.38 10.05 12.84
CA GLU E 108 -11.23 10.40 13.67
C GLU E 108 -10.35 11.42 12.97
N ASP E 109 -10.04 11.18 11.68
CA ASP E 109 -9.23 12.14 10.94
C ASP E 109 -9.95 13.48 10.78
N THR E 110 -11.27 13.44 10.56
CA THR E 110 -12.05 14.66 10.43
C THR E 110 -12.05 15.46 11.73
N ASN E 111 -12.18 14.78 12.87
CA ASN E 111 -12.09 15.48 14.14
C ASN E 111 -10.70 16.06 14.36
N LEU E 112 -9.65 15.34 13.97
CA LEU E 112 -8.30 15.89 14.06
C LEU E 112 -8.18 17.16 13.23
N ALA E 113 -8.70 17.13 12.01
CA ALA E 113 -8.64 18.31 11.15
C ALA E 113 -9.44 19.47 11.73
N ALA E 114 -10.62 19.19 12.28
CA ALA E 114 -11.45 20.23 12.86
C ALA E 114 -10.77 20.86 14.07
N ILE E 115 -10.16 20.04 14.93
CA ILE E 115 -9.41 20.58 16.06
C ILE E 115 -8.22 21.40 15.59
N HIS E 116 -7.60 20.99 14.47
CA HIS E 116 -6.49 21.77 13.93
C HIS E 116 -6.93 23.18 13.56
N ALA E 117 -8.15 23.33 13.06
CA ALA E 117 -8.67 24.63 12.65
C ALA E 117 -9.31 25.40 13.80
N LYS E 118 -8.96 25.07 15.05
CA LYS E 118 -9.46 25.74 16.23
C LYS E 118 -10.98 25.63 16.34
N ARG E 119 -11.48 24.40 16.19
CA ARG E 119 -12.91 24.14 16.30
C ARG E 119 -13.12 22.78 16.95
N VAL E 120 -14.32 22.59 17.50
CA VAL E 120 -14.77 21.30 17.97
C VAL E 120 -15.85 20.70 17.08
N THR E 121 -16.55 21.52 16.30
CA THR E 121 -17.58 21.03 15.40
C THR E 121 -16.94 20.62 14.08
N ILE E 122 -17.08 19.34 13.73
CA ILE E 122 -16.57 18.87 12.46
C ILE E 122 -17.53 19.27 11.34
N MET E 123 -16.97 19.58 10.18
CA MET E 123 -17.69 20.15 9.06
C MET E 123 -17.33 19.40 7.79
N PRO E 124 -18.14 19.52 6.73
CA PRO E 124 -17.80 18.83 5.47
C PRO E 124 -16.43 19.22 4.93
N LYS E 125 -15.97 20.44 5.19
CA LYS E 125 -14.64 20.83 4.74
C LYS E 125 -13.56 19.99 5.43
N ASP E 126 -13.78 19.66 6.70
CA ASP E 126 -12.84 18.78 7.40
C ASP E 126 -12.80 17.40 6.77
N ILE E 127 -13.97 16.86 6.41
CA ILE E 127 -14.03 15.56 5.77
C ILE E 127 -13.31 15.59 4.42
N GLN E 128 -13.54 16.66 3.65
CA GLN E 128 -12.87 16.77 2.35
C GLN E 128 -11.37 16.88 2.50
N LEU E 129 -10.89 17.65 3.48
CA LEU E 129 -9.46 17.76 3.71
C LEU E 129 -8.87 16.43 4.13
N ALA E 130 -9.55 15.71 5.02
CA ALA E 130 -9.04 14.41 5.46
C ALA E 130 -8.97 13.43 4.30
N ARG E 131 -10.00 13.41 3.44
CA ARG E 131 -9.99 12.51 2.30
C ARG E 131 -8.93 12.91 1.28
N ARG E 132 -8.65 14.20 1.13
CA ARG E 132 -7.61 14.61 0.19
C ARG E 132 -6.24 14.21 0.71
N ILE E 133 -5.96 14.52 1.99
CA ILE E 133 -4.64 14.21 2.54
C ILE E 133 -4.42 12.71 2.60
N ARG E 134 -5.46 11.95 2.91
CA ARG E 134 -5.31 10.50 3.02
C ARG E 134 -4.90 9.88 1.70
N GLY E 135 -5.49 10.33 0.60
CA GLY E 135 -5.14 9.81 -0.71
C GLY E 135 -6.33 9.67 -1.64
N GLU E 136 -7.54 9.82 -1.10
CA GLU E 136 -8.75 9.71 -1.91
C GLU E 136 -8.88 10.89 -2.86
N LEU F 27 -35.58 -1.96 -5.05
CA LEU F 27 -34.64 -1.16 -4.27
C LEU F 27 -34.46 0.22 -4.89
N ARG F 28 -35.00 1.24 -4.24
CA ARG F 28 -34.90 2.62 -4.72
C ARG F 28 -34.66 3.54 -3.53
N ASP F 29 -33.57 4.31 -3.60
CA ASP F 29 -33.22 5.31 -2.60
C ASP F 29 -33.13 4.68 -1.20
N ASN F 30 -32.22 3.73 -1.07
CA ASN F 30 -31.90 3.12 0.21
C ASN F 30 -30.71 3.78 0.90
N ILE F 31 -30.09 4.78 0.27
CA ILE F 31 -28.98 5.48 0.90
C ILE F 31 -29.45 6.26 2.12
N GLN F 32 -30.66 6.79 2.09
CA GLN F 32 -31.22 7.49 3.23
C GLN F 32 -31.52 6.56 4.40
N GLY F 33 -31.28 5.26 4.25
CA GLY F 33 -31.40 4.33 5.37
C GLY F 33 -30.28 4.49 6.38
N ILE F 34 -29.16 5.09 5.99
CA ILE F 34 -28.11 5.43 6.94
C ILE F 34 -28.54 6.72 7.63
N THR F 35 -29.28 6.58 8.73
CA THR F 35 -29.97 7.70 9.33
C THR F 35 -28.99 8.65 10.01
N LYS F 36 -29.52 9.80 10.43
CA LYS F 36 -28.73 10.75 11.21
C LYS F 36 -28.23 10.15 12.52
N PRO F 37 -29.04 9.45 13.31
CA PRO F 37 -28.48 8.81 14.52
C PRO F 37 -27.38 7.82 14.24
N ALA F 38 -27.43 7.08 13.12
CA ALA F 38 -26.35 6.15 12.81
C ALA F 38 -25.04 6.90 12.55
N ILE F 39 -25.10 8.00 11.80
CA ILE F 39 -23.91 8.81 11.57
C ILE F 39 -23.40 9.40 12.88
N ARG F 40 -24.34 9.83 13.74
CA ARG F 40 -23.94 10.37 15.03
C ARG F 40 -23.23 9.33 15.88
N ARG F 41 -23.74 8.10 15.89
CA ARG F 41 -23.08 7.03 16.65
C ARG F 41 -21.71 6.70 16.07
N LEU F 42 -21.60 6.67 14.74
CA LEU F 42 -20.30 6.42 14.13
C LEU F 42 -19.30 7.51 14.48
N ALA F 43 -19.74 8.76 14.50
CA ALA F 43 -18.84 9.86 14.87
C ALA F 43 -18.50 9.81 16.35
N ARG F 44 -19.47 9.43 17.19
CA ARG F 44 -19.21 9.31 18.62
C ARG F 44 -18.16 8.24 18.89
N ARG F 45 -18.23 7.12 18.18
CA ARG F 45 -17.18 6.12 18.29
C ARG F 45 -15.84 6.67 17.80
N GLY F 46 -15.87 7.64 16.89
CA GLY F 46 -14.68 8.28 16.39
C GLY F 46 -14.14 9.40 17.23
N GLY F 47 -14.77 9.70 18.37
CA GLY F 47 -14.29 10.75 19.24
C GLY F 47 -14.73 12.15 18.88
N VAL F 48 -15.83 12.29 18.15
CA VAL F 48 -16.32 13.59 17.71
C VAL F 48 -17.31 14.12 18.74
N LYS F 49 -17.09 15.37 19.18
CA LYS F 49 -17.92 15.96 20.22
C LYS F 49 -19.15 16.67 19.64
N ARG F 50 -18.93 17.58 18.69
CA ARG F 50 -20.02 18.29 18.04
C ARG F 50 -20.00 18.01 16.55
N ILE F 51 -21.18 18.09 15.94
CA ILE F 51 -21.38 17.67 14.56
C ILE F 51 -22.14 18.76 13.81
N SER F 52 -21.61 19.17 12.66
CA SER F 52 -22.33 20.12 11.82
C SER F 52 -23.48 19.43 11.09
N GLY F 53 -24.55 20.19 10.84
CA GLY F 53 -25.75 19.59 10.26
C GLY F 53 -25.56 19.11 8.84
N LEU F 54 -24.55 19.58 8.14
CA LEU F 54 -24.34 19.23 6.74
C LEU F 54 -23.37 18.07 6.54
N ILE F 55 -22.90 17.44 7.62
CA ILE F 55 -21.96 16.34 7.45
C ILE F 55 -22.65 15.00 7.24
N TYR F 56 -23.95 14.91 7.50
CA TYR F 56 -24.66 13.66 7.23
C TYR F 56 -24.75 13.40 5.73
N GLU F 57 -25.41 14.32 5.01
CA GLU F 57 -25.57 14.15 3.57
C GLU F 57 -24.23 14.08 2.85
N GLU F 58 -23.17 14.59 3.46
CA GLU F 58 -21.83 14.38 2.91
C GLU F 58 -21.34 12.97 3.21
N THR F 59 -21.38 12.57 4.48
CA THR F 59 -20.81 11.28 4.89
C THR F 59 -21.43 10.15 4.10
N ARG F 60 -22.77 10.16 3.98
CA ARG F 60 -23.45 9.13 3.21
C ARG F 60 -22.83 8.99 1.83
N GLY F 61 -22.66 10.11 1.13
CA GLY F 61 -22.03 10.05 -0.18
C GLY F 61 -20.68 9.38 -0.12
N VAL F 62 -19.83 9.83 0.82
CA VAL F 62 -18.52 9.21 0.97
C VAL F 62 -18.68 7.71 1.19
N LEU F 63 -19.57 7.34 2.12
CA LEU F 63 -19.81 5.93 2.39
C LEU F 63 -20.18 5.20 1.10
N LYS F 64 -21.12 5.77 0.34
CA LYS F 64 -21.53 5.12 -0.90
C LYS F 64 -20.34 4.91 -1.80
N VAL F 65 -19.50 5.95 -1.94
CA VAL F 65 -18.32 5.83 -2.79
C VAL F 65 -17.48 4.65 -2.36
N PHE F 66 -17.22 4.55 -1.05
CA PHE F 66 -16.44 3.43 -0.55
C PHE F 66 -17.08 2.11 -0.97
N LEU F 67 -18.39 1.97 -0.72
CA LEU F 67 -19.07 0.75 -1.11
C LEU F 67 -18.98 0.56 -2.62
N GLU F 68 -19.20 1.64 -3.38
CA GLU F 68 -19.21 1.54 -4.83
C GLU F 68 -17.87 1.02 -5.34
N ASN F 69 -16.81 1.16 -4.55
CA ASN F 69 -15.55 0.52 -4.90
C ASN F 69 -15.56 -0.94 -4.48
N VAL F 70 -15.72 -1.19 -3.18
CA VAL F 70 -15.45 -2.52 -2.65
C VAL F 70 -16.37 -3.54 -3.30
N ILE F 71 -17.67 -3.26 -3.28
CA ILE F 71 -18.65 -4.18 -3.87
C ILE F 71 -18.28 -4.48 -5.31
N ARG F 72 -17.90 -3.44 -6.07
CA ARG F 72 -17.52 -3.65 -7.46
C ARG F 72 -16.45 -4.72 -7.56
N ASP F 73 -15.36 -4.57 -6.81
CA ASP F 73 -14.30 -5.56 -6.86
C ASP F 73 -14.83 -6.93 -6.46
N ALA F 74 -15.63 -6.98 -5.40
CA ALA F 74 -16.22 -8.24 -4.98
C ALA F 74 -16.98 -8.87 -6.13
N VAL F 75 -17.82 -8.08 -6.81
CA VAL F 75 -18.59 -8.64 -7.91
C VAL F 75 -17.67 -9.19 -8.98
N THR F 76 -16.58 -8.48 -9.26
CA THR F 76 -15.63 -8.98 -10.24
C THR F 76 -15.06 -10.33 -9.80
N TYR F 77 -14.69 -10.43 -8.52
CA TYR F 77 -14.16 -11.70 -8.02
C TYR F 77 -15.20 -12.81 -8.15
N THR F 78 -16.49 -12.46 -8.09
CA THR F 78 -17.53 -13.44 -8.33
C THR F 78 -17.63 -13.78 -9.81
N GLU F 79 -17.60 -12.76 -10.67
CA GLU F 79 -17.84 -13.00 -12.09
C GLU F 79 -16.71 -13.79 -12.73
N HIS F 80 -15.52 -13.76 -12.14
CA HIS F 80 -14.43 -14.58 -12.63
C HIS F 80 -14.64 -16.04 -12.27
N ALA F 81 -15.29 -16.31 -11.15
CA ALA F 81 -15.48 -17.67 -10.67
C ALA F 81 -16.75 -18.31 -11.21
N LYS F 82 -17.45 -17.65 -12.13
CA LYS F 82 -18.69 -18.16 -12.70
C LYS F 82 -19.73 -18.46 -11.62
N ARG F 83 -19.78 -17.60 -10.60
CA ARG F 83 -20.70 -17.75 -9.49
C ARG F 83 -21.76 -16.66 -9.53
N LYS F 84 -22.79 -16.84 -8.70
CA LYS F 84 -23.83 -15.85 -8.52
C LYS F 84 -23.79 -15.22 -7.13
N THR F 85 -23.68 -16.03 -6.08
CA THR F 85 -23.64 -15.49 -4.73
C THR F 85 -22.27 -14.86 -4.44
N VAL F 86 -22.28 -13.63 -3.95
CA VAL F 86 -21.05 -12.94 -3.55
C VAL F 86 -20.67 -13.48 -2.17
N THR F 87 -19.68 -14.37 -2.13
CA THR F 87 -19.27 -14.97 -0.88
C THR F 87 -18.48 -13.96 -0.04
N ALA F 88 -18.30 -14.29 1.24
CA ALA F 88 -17.54 -13.42 2.13
C ALA F 88 -16.08 -13.33 1.72
N MET F 89 -15.56 -14.37 1.07
CA MET F 89 -14.17 -14.33 0.64
C MET F 89 -13.97 -13.37 -0.52
N ASP F 90 -14.98 -13.19 -1.37
CA ASP F 90 -14.88 -12.17 -2.42
C ASP F 90 -14.74 -10.79 -1.80
N VAL F 91 -15.53 -10.49 -0.76
CA VAL F 91 -15.45 -9.21 -0.09
C VAL F 91 -14.11 -9.07 0.62
N VAL F 92 -13.62 -10.15 1.23
CA VAL F 92 -12.34 -10.10 1.92
C VAL F 92 -11.21 -9.80 0.95
N TYR F 93 -11.21 -10.47 -0.22
CA TYR F 93 -10.20 -10.21 -1.23
C TYR F 93 -10.32 -8.79 -1.78
N ALA F 94 -11.56 -8.31 -1.98
CA ALA F 94 -11.74 -6.95 -2.47
C ALA F 94 -11.19 -5.93 -1.50
N LEU F 95 -11.43 -6.13 -0.20
CA LEU F 95 -10.87 -5.22 0.80
C LEU F 95 -9.36 -5.33 0.86
N LYS F 96 -8.81 -6.55 0.76
CA LYS F 96 -7.37 -6.72 0.76
C LYS F 96 -6.72 -6.03 -0.44
N ARG F 97 -7.45 -5.95 -1.56
CA ARG F 97 -6.91 -5.29 -2.74
C ARG F 97 -6.63 -3.81 -2.48
N GLN F 98 -7.54 -3.13 -1.78
CA GLN F 98 -7.43 -1.71 -1.53
C GLN F 98 -6.59 -1.38 -0.30
N GLY F 99 -5.82 -2.33 0.20
CA GLY F 99 -4.97 -2.07 1.33
C GLY F 99 -5.70 -1.97 2.66
N ARG F 100 -6.89 -2.53 2.76
CA ARG F 100 -7.65 -2.58 4.01
C ARG F 100 -7.96 -4.04 4.30
N THR F 101 -7.02 -4.73 4.95
CA THR F 101 -7.24 -6.12 5.30
C THR F 101 -8.29 -6.22 6.40
N LEU F 102 -9.10 -7.28 6.32
CA LEU F 102 -10.17 -7.51 7.28
C LEU F 102 -9.96 -8.88 7.91
N TYR F 103 -9.80 -8.91 9.23
CA TYR F 103 -9.60 -10.15 9.95
C TYR F 103 -10.91 -10.61 10.58
N GLY F 104 -11.17 -11.92 10.50
CA GLY F 104 -12.30 -12.54 11.16
C GLY F 104 -13.25 -13.24 10.21
N PHE F 105 -13.37 -12.75 8.98
CA PHE F 105 -14.33 -13.27 8.02
C PHE F 105 -13.62 -14.15 7.00
N GLY F 106 -14.02 -15.42 6.95
CA GLY F 106 -13.56 -16.35 5.94
C GLY F 106 -12.09 -16.68 5.95
N GLY F 107 -11.28 -16.02 6.77
CA GLY F 107 -9.85 -16.27 6.78
C GLY F 107 -9.07 -15.26 5.96
N ARG G 14 11.09 -27.77 -41.28
CA ARG G 14 10.36 -26.85 -40.42
C ARG G 14 9.35 -26.03 -41.22
N ALA G 15 9.24 -24.75 -40.89
CA ALA G 15 8.31 -23.84 -41.56
C ALA G 15 8.96 -22.46 -41.62
N LYS G 16 8.18 -21.46 -42.03
CA LYS G 16 8.69 -20.10 -42.13
C LYS G 16 8.89 -19.46 -40.76
N ALA G 17 8.25 -19.98 -39.72
CA ALA G 17 8.49 -19.57 -38.33
C ALA G 17 8.23 -18.08 -38.13
N LYS G 18 6.98 -17.69 -38.31
CA LYS G 18 6.57 -16.32 -37.99
C LYS G 18 6.29 -16.19 -36.50
N THR G 19 6.71 -15.07 -35.93
CA THR G 19 6.61 -14.86 -34.50
C THR G 19 5.15 -14.69 -34.07
N ARG G 20 4.90 -14.89 -32.76
CA ARG G 20 3.56 -14.70 -32.24
C ARG G 20 3.19 -13.22 -32.16
N SER G 21 4.17 -12.34 -31.99
CA SER G 21 3.89 -10.91 -31.96
C SER G 21 3.34 -10.42 -33.28
N SER G 22 3.59 -11.13 -34.39
CA SER G 22 3.03 -10.76 -35.67
C SER G 22 1.73 -11.49 -35.96
N ARG G 23 1.54 -12.69 -35.40
CA ARG G 23 0.28 -13.39 -35.56
C ARG G 23 -0.86 -12.64 -34.88
N ALA G 24 -0.60 -12.10 -33.69
CA ALA G 24 -1.59 -11.32 -32.96
C ALA G 24 -1.73 -9.90 -33.47
N GLY G 25 -0.81 -9.43 -34.32
CA GLY G 25 -0.88 -8.07 -34.82
C GLY G 25 -0.38 -7.01 -33.87
N LEU G 26 0.38 -7.38 -32.85
CA LEU G 26 0.90 -6.42 -31.88
C LEU G 26 2.19 -5.79 -32.39
N PHE G 28 4.87 -5.29 -29.44
CA PHE G 28 5.31 -5.86 -28.17
C PHE G 28 5.50 -7.37 -28.29
N PRO G 29 6.48 -7.91 -27.57
CA PRO G 29 6.79 -9.34 -27.71
C PRO G 29 5.78 -10.21 -26.98
N VAL G 30 5.51 -11.38 -27.56
CA VAL G 30 4.61 -12.34 -26.95
C VAL G 30 5.44 -13.48 -26.38
N GLY G 31 6.52 -13.84 -27.08
CA GLY G 31 7.42 -14.86 -26.58
C GLY G 31 8.11 -14.44 -25.29
N ARG G 32 8.59 -13.19 -25.25
CA ARG G 32 9.26 -12.70 -24.04
C ARG G 32 8.29 -12.59 -22.88
N VAL G 33 7.06 -12.14 -23.14
CA VAL G 33 6.07 -12.05 -22.08
C VAL G 33 5.73 -13.44 -21.55
N HIS G 34 5.58 -14.42 -22.45
CA HIS G 34 5.33 -15.78 -22.03
C HIS G 34 6.48 -16.32 -21.20
N ARG G 35 7.72 -16.05 -21.62
CA ARG G 35 8.88 -16.53 -20.87
C ARG G 35 8.94 -15.91 -19.48
N LEU G 36 8.63 -14.62 -19.37
CA LEU G 36 8.62 -13.98 -18.06
C LEU G 36 7.50 -14.53 -17.18
N LEU G 37 6.33 -14.77 -17.77
CA LEU G 37 5.23 -15.36 -17.01
C LEU G 37 5.60 -16.75 -16.50
N ARG G 38 6.31 -17.52 -17.31
CA ARG G 38 6.75 -18.85 -16.87
C ARG G 38 7.80 -18.73 -15.78
N LYS G 39 8.92 -18.09 -16.06
CA LYS G 39 9.99 -17.93 -15.08
C LYS G 39 9.83 -16.65 -14.27
N GLY G 40 8.62 -16.42 -13.77
CA GLY G 40 8.37 -15.39 -12.79
C GLY G 40 7.72 -15.97 -11.56
N ASN G 41 7.47 -17.28 -11.62
CA ASN G 41 6.83 -18.02 -10.53
C ASN G 41 5.48 -17.40 -10.16
N TYR G 42 4.60 -17.33 -11.16
CA TYR G 42 3.23 -16.89 -10.97
C TYR G 42 2.24 -18.06 -10.95
N SER G 43 2.44 -19.06 -11.79
CA SER G 43 1.55 -20.20 -11.85
C SER G 43 2.33 -21.43 -12.26
N GLU G 44 1.76 -22.60 -11.99
CA GLU G 44 2.38 -23.85 -12.40
C GLU G 44 2.40 -23.96 -13.92
N ARG G 45 1.32 -23.56 -14.58
CA ARG G 45 1.24 -23.56 -16.04
C ARG G 45 0.77 -22.19 -16.50
N VAL G 46 1.11 -21.87 -17.75
CA VAL G 46 0.69 -20.62 -18.38
C VAL G 46 0.07 -20.95 -19.73
N GLY G 47 -1.16 -20.50 -19.94
CA GLY G 47 -1.85 -20.78 -21.19
C GLY G 47 -1.30 -19.96 -22.33
N ALA G 48 -1.82 -20.25 -23.53
CA ALA G 48 -1.39 -19.56 -24.73
C ALA G 48 -2.10 -18.23 -24.95
N GLY G 49 -3.13 -17.93 -24.17
CA GLY G 49 -3.83 -16.67 -24.30
C GLY G 49 -3.33 -15.62 -23.32
N ALA G 50 -2.64 -16.05 -22.27
CA ALA G 50 -2.09 -15.10 -21.31
C ALA G 50 -1.03 -14.20 -21.91
N PRO G 51 0.01 -14.70 -22.59
CA PRO G 51 1.00 -13.77 -23.16
C PRO G 51 0.41 -12.82 -24.18
N VAL G 52 -0.51 -13.27 -25.03
CA VAL G 52 -1.08 -12.40 -26.04
C VAL G 52 -1.91 -11.31 -25.41
N TYR G 53 -2.77 -11.68 -24.46
CA TYR G 53 -3.61 -10.70 -23.77
C TYR G 53 -2.76 -9.69 -23.01
N LEU G 54 -1.74 -10.16 -22.29
CA LEU G 54 -0.91 -9.26 -21.50
C LEU G 54 -0.09 -8.35 -22.40
N ALA G 55 0.44 -8.87 -23.49
CA ALA G 55 1.19 -8.03 -24.43
C ALA G 55 0.30 -6.98 -25.05
N ALA G 56 -0.94 -7.35 -25.41
CA ALA G 56 -1.87 -6.37 -25.97
C ALA G 56 -2.20 -5.28 -24.95
N VAL G 57 -2.42 -5.65 -23.70
CA VAL G 57 -2.74 -4.67 -22.67
C VAL G 57 -1.56 -3.73 -22.45
N LEU G 58 -0.36 -4.29 -22.35
CA LEU G 58 0.83 -3.46 -22.17
C LEU G 58 1.04 -2.53 -23.35
N GLU G 59 0.83 -3.03 -24.57
CA GLU G 59 0.98 -2.19 -25.75
C GLU G 59 -0.05 -1.06 -25.76
N TYR G 60 -1.29 -1.36 -25.37
CA TYR G 60 -2.31 -0.30 -25.31
C TYR G 60 -1.93 0.77 -24.30
N LEU G 61 -1.51 0.36 -23.11
CA LEU G 61 -1.13 1.34 -22.08
C LEU G 61 0.06 2.17 -22.53
N THR G 62 1.06 1.52 -23.11
CA THR G 62 2.24 2.24 -23.62
C THR G 62 1.85 3.21 -24.71
N ALA G 63 0.98 2.80 -25.64
CA ALA G 63 0.55 3.69 -26.71
C ALA G 63 -0.20 4.89 -26.15
N GLU G 64 -1.07 4.67 -25.17
CA GLU G 64 -1.82 5.77 -24.57
C GLU G 64 -0.88 6.78 -23.90
N ILE G 65 0.02 6.29 -23.06
CA ILE G 65 0.90 7.20 -22.33
C ILE G 65 1.87 7.89 -23.29
N LEU G 66 2.32 7.19 -24.33
CA LEU G 66 3.23 7.81 -25.29
C LEU G 66 2.52 8.85 -26.14
N GLU G 67 1.26 8.61 -26.50
CA GLU G 67 0.50 9.61 -27.23
C GLU G 67 0.30 10.86 -26.40
N LEU G 68 -0.06 10.69 -25.12
CA LEU G 68 -0.23 11.86 -24.26
C LEU G 68 1.08 12.60 -24.05
N ALA G 69 2.18 11.87 -23.87
CA ALA G 69 3.48 12.51 -23.71
C ALA G 69 3.89 13.26 -24.96
N GLY G 70 3.63 12.69 -26.14
CA GLY G 70 3.94 13.38 -27.37
C GLY G 70 3.09 14.62 -27.56
N ASN G 71 1.83 14.56 -27.16
CA ASN G 71 0.98 15.75 -27.21
C ASN G 71 1.52 16.83 -26.28
N ALA G 72 1.95 16.46 -25.08
CA ALA G 72 2.56 17.42 -24.18
C ALA G 72 3.83 18.02 -24.75
N ALA G 73 4.65 17.19 -25.40
CA ALA G 73 5.87 17.68 -26.03
C ALA G 73 5.57 18.66 -27.15
N ARG G 74 4.56 18.35 -27.98
CA ARG G 74 4.17 19.26 -29.04
C ARG G 74 3.65 20.57 -28.47
N ASP G 75 2.88 20.51 -27.39
CA ASP G 75 2.44 21.73 -26.72
C ASP G 75 3.63 22.49 -26.14
N ASN G 76 4.72 21.79 -25.83
CA ASN G 76 5.93 22.42 -25.32
C ASN G 76 6.92 22.77 -26.43
N LYS G 77 6.59 22.45 -27.69
CA LYS G 77 7.44 22.77 -28.84
C LYS G 77 8.80 22.10 -28.75
N LYS G 78 8.78 20.80 -28.46
CA LYS G 78 9.99 19.99 -28.39
C LYS G 78 9.70 18.62 -28.99
N THR G 79 10.52 18.21 -29.94
CA THR G 79 10.33 16.90 -30.59
C THR G 79 11.17 15.82 -29.91
N ARG G 80 11.02 15.70 -28.60
CA ARG G 80 11.71 14.65 -27.85
C ARG G 80 11.05 14.52 -26.49
N ILE G 81 10.48 13.34 -26.21
CA ILE G 81 9.81 13.12 -24.93
C ILE G 81 10.85 12.98 -23.84
N ILE G 82 10.67 13.75 -22.76
CA ILE G 82 11.58 13.74 -21.63
C ILE G 82 10.79 13.34 -20.39
N PRO G 83 11.43 13.05 -19.25
CA PRO G 83 10.67 12.70 -18.05
C PRO G 83 9.63 13.72 -17.64
N ARG G 84 9.91 15.02 -17.86
CA ARG G 84 8.92 16.04 -17.54
C ARG G 84 7.66 15.88 -18.37
N HIS G 85 7.82 15.56 -19.65
CA HIS G 85 6.65 15.33 -20.52
C HIS G 85 5.86 14.12 -20.06
N LEU G 86 6.55 13.05 -19.66
CA LEU G 86 5.84 11.87 -19.15
C LEU G 86 5.08 12.20 -17.88
N GLN G 87 5.69 12.96 -16.97
CA GLN G 87 5.00 13.35 -15.75
C GLN G 87 3.78 14.21 -16.04
N LEU G 88 3.92 15.17 -16.97
CA LEU G 88 2.78 16.01 -17.33
C LEU G 88 1.66 15.18 -17.94
N ALA G 89 2.01 14.25 -18.83
CA ALA G 89 0.98 13.42 -19.46
C ALA G 89 0.28 12.53 -18.45
N ILE G 90 1.05 11.95 -17.51
CA ILE G 90 0.45 11.05 -16.54
C ILE G 90 -0.45 11.80 -15.57
N ARG G 91 0.03 12.92 -15.04
CA ARG G 91 -0.72 13.64 -14.02
C ARG G 91 -1.82 14.52 -14.61
N ASN G 92 -1.79 14.80 -15.91
CA ASN G 92 -2.84 15.61 -16.51
C ASN G 92 -4.07 14.79 -16.89
N ASP G 93 -3.94 13.47 -16.93
CA ASP G 93 -5.07 12.58 -17.17
C ASP G 93 -5.61 12.05 -15.85
N GLU G 94 -6.86 11.61 -15.87
CA GLU G 94 -7.48 11.08 -14.65
C GLU G 94 -7.23 9.59 -14.48
N GLU G 95 -7.41 8.82 -15.56
CA GLU G 95 -7.18 7.37 -15.48
C GLU G 95 -5.72 7.07 -15.17
N LEU G 96 -4.79 7.77 -15.83
CA LEU G 96 -3.37 7.51 -15.60
C LEU G 96 -2.95 7.98 -14.21
N ASN G 97 -3.49 9.12 -13.75
CA ASN G 97 -3.16 9.58 -12.41
C ASN G 97 -3.73 8.66 -11.35
N LYS G 98 -4.87 8.02 -11.61
CA LYS G 98 -5.37 7.00 -10.69
C LYS G 98 -4.50 5.75 -10.72
N LEU G 99 -4.05 5.36 -11.92
CA LEU G 99 -3.23 4.16 -12.06
C LEU G 99 -1.85 4.36 -11.42
N LEU G 100 -1.21 5.47 -11.73
CA LEU G 100 0.16 5.76 -11.28
C LEU G 100 0.19 6.89 -10.25
N GLY G 101 -0.80 6.92 -9.36
CA GLY G 101 -0.79 7.93 -8.32
C GLY G 101 0.34 7.75 -7.33
N ARG G 102 0.63 6.51 -6.96
N ARG G 102 0.58 6.52 -6.90
CA ARG G 102 1.65 6.19 -5.97
CA ARG G 102 1.67 6.23 -5.98
C ARG G 102 3.03 5.98 -6.59
C ARG G 102 2.93 5.81 -6.72
N VAL G 103 3.31 6.63 -7.72
CA VAL G 103 4.54 6.39 -8.48
C VAL G 103 5.31 7.70 -8.59
N THR G 104 6.59 7.65 -8.26
CA THR G 104 7.48 8.78 -8.43
C THR G 104 8.24 8.65 -9.73
N ILE G 105 8.33 9.74 -10.48
CA ILE G 105 9.03 9.78 -11.76
C ILE G 105 10.25 10.66 -11.59
N ALA G 106 11.43 10.09 -11.86
CA ALA G 106 12.68 10.84 -11.70
C ALA G 106 12.74 11.97 -12.72
N GLN G 107 13.14 13.15 -12.26
CA GLN G 107 13.27 14.35 -13.09
C GLN G 107 11.93 14.74 -13.72
N GLY G 108 10.83 14.36 -13.08
CA GLY G 108 9.52 14.69 -13.58
C GLY G 108 8.91 15.97 -13.06
N GLY G 109 9.45 16.52 -11.98
CA GLY G 109 8.92 17.76 -11.44
C GLY G 109 7.53 17.58 -10.87
N VAL G 110 6.83 18.71 -10.75
CA VAL G 110 5.45 18.75 -10.30
C VAL G 110 4.65 19.58 -11.31
N LEU G 111 3.37 19.75 -11.02
CA LEU G 111 2.55 20.50 -11.95
C LEU G 111 2.31 21.92 -11.44
N PRO G 112 2.29 22.89 -12.34
CA PRO G 112 2.14 24.29 -11.93
C PRO G 112 0.74 24.61 -11.44
N ASN G 113 0.44 24.26 -10.19
CA ASN G 113 -0.80 24.66 -9.55
C ASN G 113 -0.49 25.52 -8.33
N ILE G 114 -1.34 26.51 -8.09
CA ILE G 114 -1.22 27.41 -6.95
C ILE G 114 -2.60 27.57 -6.34
N GLN G 115 -2.67 27.48 -5.01
CA GLN G 115 -3.96 27.64 -4.35
C GLN G 115 -4.50 29.04 -4.56
N ALA G 116 -5.82 29.14 -4.74
CA ALA G 116 -6.44 30.43 -5.03
C ALA G 116 -6.30 31.42 -3.89
N VAL G 117 -6.13 30.95 -2.66
CA VAL G 117 -5.99 31.87 -1.52
C VAL G 117 -4.68 32.64 -1.60
N LEU G 118 -3.61 32.01 -2.09
CA LEU G 118 -2.30 32.65 -2.11
C LEU G 118 -2.17 33.73 -3.18
N LEU G 119 -3.05 33.73 -4.17
CA LEU G 119 -2.95 34.70 -5.26
C LEU G 119 -3.21 36.12 -4.73
N PRO G 120 -2.59 37.12 -5.33
CA PRO G 120 -2.75 38.49 -4.84
C PRO G 120 -4.19 38.96 -4.96
N LYS G 121 -4.58 39.82 -4.03
CA LYS G 121 -5.97 40.31 -3.96
C LYS G 121 -6.26 41.24 -5.14
N ARG H 36 29.59 -7.48 -19.76
CA ARG H 36 29.44 -8.64 -20.64
C ARG H 36 28.28 -9.51 -20.19
N SER H 37 27.07 -9.03 -20.37
CA SER H 37 25.86 -9.76 -20.00
C SER H 37 24.67 -9.13 -20.68
N ARG H 38 23.81 -9.96 -21.27
CA ARG H 38 22.62 -9.46 -21.93
C ARG H 38 21.69 -8.80 -20.93
N LYS H 39 21.13 -7.65 -21.31
CA LYS H 39 20.21 -6.89 -20.47
C LYS H 39 18.96 -6.62 -21.30
N GLU H 40 18.03 -7.56 -21.29
CA GLU H 40 16.79 -7.40 -22.04
C GLU H 40 15.94 -6.29 -21.46
N SER H 41 15.33 -5.51 -22.34
CA SER H 41 14.48 -4.40 -21.92
C SER H 41 13.48 -4.10 -23.02
N TYR H 42 12.39 -3.43 -22.63
CA TYR H 42 11.35 -3.03 -23.57
C TYR H 42 11.70 -1.72 -24.25
N SER H 43 12.89 -1.63 -24.85
CA SER H 43 13.28 -0.43 -25.57
C SER H 43 13.03 -0.53 -27.06
N VAL H 44 13.13 -1.72 -27.64
CA VAL H 44 12.81 -1.89 -29.05
C VAL H 44 11.32 -1.71 -29.30
N TYR H 45 10.48 -2.17 -28.37
CA TYR H 45 9.04 -2.25 -28.59
C TYR H 45 8.28 -0.98 -28.25
N VAL H 46 8.77 -0.17 -27.29
CA VAL H 46 8.13 1.10 -27.00
C VAL H 46 8.63 2.20 -27.93
N TYR H 47 9.55 1.89 -28.82
CA TYR H 47 9.92 2.80 -29.91
C TYR H 47 9.16 2.51 -31.19
N LYS H 48 8.83 1.24 -31.46
CA LYS H 48 7.93 0.92 -32.55
C LYS H 48 6.54 1.50 -32.28
N VAL H 49 6.09 1.39 -31.03
CA VAL H 49 4.80 1.98 -30.65
C VAL H 49 4.84 3.49 -30.78
N LEU H 50 5.95 4.11 -30.36
CA LEU H 50 6.08 5.55 -30.48
C LEU H 50 6.07 5.99 -31.94
N LYS H 51 6.77 5.25 -32.81
CA LYS H 51 6.76 5.58 -34.22
C LYS H 51 5.43 5.30 -34.88
N GLN H 52 4.63 4.39 -34.32
CA GLN H 52 3.27 4.20 -34.82
C GLN H 52 2.36 5.35 -34.40
N VAL H 53 2.51 5.81 -33.15
CA VAL H 53 1.65 6.88 -32.64
C VAL H 53 2.10 8.23 -33.19
N HIS H 54 3.35 8.60 -32.93
CA HIS H 54 3.92 9.86 -33.41
C HIS H 54 5.10 9.56 -34.32
N PRO H 55 4.92 9.56 -35.63
CA PRO H 55 6.01 9.15 -36.53
C PRO H 55 7.15 10.14 -36.65
N ASP H 56 7.05 11.31 -36.01
CA ASP H 56 8.07 12.34 -36.10
C ASP H 56 8.43 12.86 -34.72
N THR H 57 8.67 11.95 -33.79
CA THR H 57 9.00 12.32 -32.42
C THR H 57 9.91 11.26 -31.82
N GLY H 58 11.05 11.70 -31.28
CA GLY H 58 11.99 10.82 -30.62
C GLY H 58 11.69 10.70 -29.13
N ILE H 59 12.63 10.07 -28.43
CA ILE H 59 12.49 9.87 -26.99
C ILE H 59 13.87 9.75 -26.37
N SER H 60 14.09 10.43 -25.24
CA SER H 60 15.39 10.45 -24.60
C SER H 60 15.64 9.17 -23.82
N SER H 61 16.90 8.97 -23.42
CA SER H 61 17.28 7.76 -22.71
C SER H 61 16.61 7.68 -21.34
N LYS H 62 16.51 8.81 -20.64
CA LYS H 62 15.84 8.81 -19.34
C LYS H 62 14.37 8.47 -19.48
N ALA H 63 13.70 9.03 -20.49
CA ALA H 63 12.32 8.67 -20.75
C ALA H 63 12.20 7.21 -21.18
N MET H 64 13.20 6.69 -21.90
CA MET H 64 13.23 5.27 -22.23
C MET H 64 13.27 4.41 -20.97
N GLY H 65 14.12 4.78 -20.02
CA GLY H 65 14.19 4.02 -18.78
C GLY H 65 12.91 4.12 -17.97
N ILE H 66 12.28 5.29 -17.96
CA ILE H 66 11.01 5.44 -17.26
C ILE H 66 9.93 4.60 -17.91
N MET H 67 9.90 4.56 -19.23
CA MET H 67 8.92 3.72 -19.93
C MET H 67 9.16 2.24 -19.64
N ASN H 68 10.42 1.81 -19.63
CA ASN H 68 10.73 0.42 -19.29
C ASN H 68 10.27 0.10 -17.87
N SER H 69 10.53 1.01 -16.93
CA SER H 69 10.09 0.79 -15.55
C SER H 69 8.57 0.70 -15.46
N PHE H 70 7.88 1.58 -16.19
CA PHE H 70 6.42 1.55 -16.18
C PHE H 70 5.89 0.24 -16.74
N VAL H 71 6.45 -0.22 -17.85
CA VAL H 71 6.00 -1.48 -18.45
C VAL H 71 6.26 -2.63 -17.51
N ASN H 72 7.44 -2.67 -16.89
CA ASN H 72 7.74 -3.75 -15.96
C ASN H 72 6.81 -3.73 -14.76
N ASP H 73 6.53 -2.55 -14.22
CA ASP H 73 5.65 -2.44 -13.05
C ASP H 73 4.23 -2.88 -13.40
N ILE H 74 3.71 -2.47 -14.55
CA ILE H 74 2.37 -2.88 -14.93
C ILE H 74 2.32 -4.38 -15.19
N PHE H 75 3.35 -4.92 -15.84
CA PHE H 75 3.43 -6.36 -16.05
C PHE H 75 3.41 -7.11 -14.72
N GLU H 76 4.20 -6.63 -13.75
CA GLU H 76 4.25 -7.30 -12.46
C GLU H 76 2.91 -7.22 -11.75
N ARG H 77 2.25 -6.07 -11.80
CA ARG H 77 0.95 -5.92 -11.15
C ARG H 77 -0.08 -6.85 -11.76
N ILE H 78 -0.19 -6.86 -13.10
CA ILE H 78 -1.17 -7.71 -13.76
C ILE H 78 -0.86 -9.19 -13.52
N ALA H 79 0.41 -9.56 -13.60
CA ALA H 79 0.78 -10.96 -13.40
C ALA H 79 0.50 -11.40 -11.97
N GLY H 80 0.80 -10.56 -10.99
CA GLY H 80 0.51 -10.91 -9.61
C GLY H 80 -0.98 -11.03 -9.34
N GLU H 81 -1.77 -10.11 -9.90
CA GLU H 81 -3.21 -10.19 -9.73
C GLU H 81 -3.77 -11.45 -10.38
N ALA H 82 -3.28 -11.79 -11.57
CA ALA H 82 -3.74 -13.01 -12.24
C ALA H 82 -3.33 -14.26 -11.47
N SER H 83 -2.11 -14.27 -10.92
CA SER H 83 -1.67 -15.40 -10.12
C SER H 83 -2.53 -15.58 -8.89
N ARG H 84 -2.85 -14.48 -8.21
CA ARG H 84 -3.71 -14.57 -7.03
C ARG H 84 -5.11 -15.03 -7.42
N LEU H 85 -5.63 -14.55 -8.56
CA LEU H 85 -6.95 -15.00 -9.01
C LEU H 85 -6.95 -16.49 -9.30
N ALA H 86 -5.89 -17.00 -9.93
CA ALA H 86 -5.82 -18.43 -10.20
C ALA H 86 -5.66 -19.24 -8.92
N HIS H 87 -4.92 -18.72 -7.95
CA HIS H 87 -4.74 -19.44 -6.69
C HIS H 87 -6.03 -19.47 -5.88
N TYR H 88 -6.78 -18.37 -5.88
CA TYR H 88 -8.02 -18.32 -5.10
C TYR H 88 -9.07 -19.29 -5.61
N ASN H 89 -9.04 -19.61 -6.90
CA ASN H 89 -9.97 -20.54 -7.50
C ASN H 89 -9.42 -21.96 -7.56
N LYS H 90 -8.28 -22.23 -6.90
CA LYS H 90 -7.64 -23.54 -6.91
C LYS H 90 -7.33 -23.99 -8.34
N ARG H 91 -6.71 -23.09 -9.10
CA ARG H 91 -6.32 -23.35 -10.48
C ARG H 91 -4.81 -23.23 -10.61
N SER H 92 -4.26 -23.96 -11.59
CA SER H 92 -2.83 -23.98 -11.84
C SER H 92 -2.51 -23.50 -13.25
N THR H 93 -3.35 -22.63 -13.81
CA THR H 93 -3.10 -22.04 -15.12
C THR H 93 -3.46 -20.57 -15.08
N ILE H 94 -2.82 -19.80 -15.95
CA ILE H 94 -3.16 -18.40 -16.17
C ILE H 94 -3.62 -18.31 -17.62
N THR H 95 -4.92 -18.24 -17.83
CA THR H 95 -5.50 -18.13 -19.16
C THR H 95 -5.83 -16.68 -19.44
N SER H 96 -6.54 -16.43 -20.54
CA SER H 96 -6.96 -15.08 -20.86
C SER H 96 -7.97 -14.54 -19.85
N ARG H 97 -8.73 -15.44 -19.20
CA ARG H 97 -9.70 -15.00 -18.21
C ARG H 97 -9.02 -14.35 -17.01
N GLU H 98 -7.93 -14.95 -16.53
CA GLU H 98 -7.23 -14.39 -15.39
C GLU H 98 -6.64 -13.02 -15.72
N ILE H 99 -6.04 -12.88 -16.90
CA ILE H 99 -5.48 -11.59 -17.29
C ILE H 99 -6.58 -10.56 -17.47
N GLN H 100 -7.72 -10.96 -18.05
CA GLN H 100 -8.82 -10.03 -18.23
C GLN H 100 -9.37 -9.55 -16.89
N THR H 101 -9.53 -10.47 -15.94
CA THR H 101 -10.00 -10.08 -14.61
C THR H 101 -8.99 -9.20 -13.90
N ALA H 102 -7.69 -9.49 -14.05
CA ALA H 102 -6.68 -8.63 -13.46
C ALA H 102 -6.73 -7.22 -14.04
N VAL H 103 -6.89 -7.12 -15.37
CA VAL H 103 -7.00 -5.82 -16.01
C VAL H 103 -8.23 -5.08 -15.51
N ARG H 104 -9.35 -5.79 -15.37
CA ARG H 104 -10.56 -5.16 -14.82
C ARG H 104 -10.33 -4.67 -13.40
N LEU H 105 -9.56 -5.42 -12.61
CA LEU H 105 -9.36 -5.06 -11.21
C LEU H 105 -8.45 -3.84 -11.07
N LEU H 106 -7.34 -3.80 -11.81
CA LEU H 106 -6.38 -2.71 -11.60
C LEU H 106 -6.72 -1.47 -12.41
N LEU H 107 -6.86 -1.60 -13.72
CA LEU H 107 -7.04 -0.43 -14.57
C LEU H 107 -8.38 0.24 -14.26
N PRO H 108 -8.40 1.56 -14.08
CA PRO H 108 -9.65 2.24 -13.69
C PRO H 108 -10.47 2.76 -14.85
N GLY H 109 -11.80 2.62 -14.75
CA GLY H 109 -12.69 3.31 -15.65
C GLY H 109 -12.53 2.91 -17.11
N GLU H 110 -12.49 3.92 -17.98
CA GLU H 110 -12.44 3.67 -19.41
C GLU H 110 -11.16 2.96 -19.83
N LEU H 111 -10.09 3.13 -19.07
CA LEU H 111 -8.84 2.44 -19.37
C LEU H 111 -9.05 0.93 -19.33
N ALA H 112 -9.77 0.43 -18.33
CA ALA H 112 -10.03 -1.00 -18.23
C ALA H 112 -10.83 -1.50 -19.42
N LYS H 113 -11.87 -0.76 -19.82
CA LYS H 113 -12.69 -1.19 -20.93
C LYS H 113 -11.89 -1.22 -22.23
N HIS H 114 -11.09 -0.17 -22.47
CA HIS H 114 -10.31 -0.13 -23.70
C HIS H 114 -9.24 -1.22 -23.72
N ALA H 115 -8.58 -1.45 -22.59
CA ALA H 115 -7.57 -2.50 -22.54
C ALA H 115 -8.19 -3.87 -22.71
N VAL H 116 -9.38 -4.08 -22.15
CA VAL H 116 -10.08 -5.36 -22.31
C VAL H 116 -10.44 -5.56 -23.78
N SER H 117 -10.93 -4.51 -24.45
CA SER H 117 -11.24 -4.62 -25.87
C SER H 117 -9.99 -4.92 -26.69
N GLU H 118 -8.88 -4.25 -26.39
CA GLU H 118 -7.64 -4.50 -27.12
C GLU H 118 -7.15 -5.93 -26.91
N GLY H 119 -7.19 -6.41 -25.66
CA GLY H 119 -6.75 -7.77 -25.39
C GLY H 119 -7.63 -8.82 -26.06
N THR H 120 -8.95 -8.61 -26.02
CA THR H 120 -9.86 -9.54 -26.67
C THR H 120 -9.63 -9.56 -28.18
N LYS H 121 -9.44 -8.38 -28.78
CA LYS H 121 -9.17 -8.32 -30.22
C LYS H 121 -7.86 -9.03 -30.57
N ALA H 122 -6.82 -8.82 -29.76
CA ALA H 122 -5.55 -9.48 -30.02
C ALA H 122 -5.66 -11.00 -29.88
N VAL H 123 -6.37 -11.46 -28.86
CA VAL H 123 -6.55 -12.91 -28.69
C VAL H 123 -7.34 -13.48 -29.86
N THR H 124 -8.38 -12.77 -30.30
CA THR H 124 -9.16 -13.25 -31.44
C THR H 124 -8.31 -13.33 -32.69
N LYS H 125 -7.47 -12.32 -32.93
CA LYS H 125 -6.57 -12.37 -34.07
C LYS H 125 -5.58 -13.53 -33.96
N TYR H 126 -5.09 -13.79 -32.75
CA TYR H 126 -4.12 -14.87 -32.57
C TYR H 126 -4.75 -16.23 -32.84
N THR H 127 -5.95 -16.47 -32.33
CA THR H 127 -6.59 -17.76 -32.57
C THR H 127 -7.28 -17.84 -33.93
N SER H 128 -7.34 -16.74 -34.67
CA SER H 128 -7.85 -16.78 -36.04
C SER H 128 -6.82 -17.28 -37.04
N ALA H 129 -5.55 -17.34 -36.66
CA ALA H 129 -4.50 -17.80 -37.56
C ALA H 129 -3.67 -18.90 -36.92
#